data_7AJZ
#
_entry.id   7AJZ
#
_cell.length_a   57.510
_cell.length_b   92.558
_cell.length_c   276.064
_cell.angle_alpha   90.000
_cell.angle_beta   90.000
_cell.angle_gamma   90.000
#
_symmetry.space_group_name_H-M   'P 21 21 21'
#
loop_
_entity.id
_entity.type
_entity.pdbx_description
1 polymer 'L,D-transpeptidase YcbB'
2 polymer NAG-NAM(tetrapeptide)
3 non-polymer 1,2-ETHANEDIOL
4 non-polymer 'methyl 2-acetamido-3-O-[(1R)-1-carboxyethyl]-2-deoxy-beta-D-glucopyranoside'
5 water water
#
loop_
_entity_poly.entity_id
_entity_poly.type
_entity_poly.pdbx_seq_one_letter_code
_entity_poly.pdbx_strand_id
1 'polypeptide(L)'
;AAMVTQRFVELGWIDSTSPVNEQITNPALVEQIYHSNNDQLLWSDLATANHFEAQLEVIHRASFSPLFSRQLFALKSYRQ
QDRWHEYDVLATDTLLQYLSYAEQAPKVGIAWFFEGQLDQPLAPPSEEAQLALHMAIGNQSLARLMDEYTPQDPAYQQLL
QAYQSLSSIEFNEVALYEQMERLKRPGDPLSHREALVQRLALVNLDTTSILNDVAYYDASLEKPIKQFQKMHGLQTDGVI
GPQTMKWLNTSVTERLALLALNAERIRLWPTQQDSMIVVNVPGFDMKYWDAGREVFESKVVVGKTTRPTPVMNTKLDSLI
INPTWNVPHKIMVEDILPMVKRDSEYLANHHMEIIRGWSDPEVIDPALIDWEAVEPETFPYRLRQQAGVQNALGTYKFNT
PNSRAIYLHDTPSKHLFNNASRAFSSGCIRVENAEKFAQTLLANQGITLDDFPVSTQAIALKKRIPVHIIYQTVWYEEGV
LHYRDDIYHYDALALGNGDASPNLTKIENLYFQGSSSHHHHHH
;
A,B
2 'polypeptide(D)' A(DGL)(API)(DAL) C
#
# COMPACT_ATOMS: atom_id res chain seq x y z
N TRP A 13 5.93 -21.23 48.13
CA TRP A 13 4.52 -21.43 47.65
C TRP A 13 3.81 -20.08 47.48
N ILE A 14 3.80 -19.25 48.53
CA ILE A 14 3.31 -17.84 48.46
C ILE A 14 4.41 -16.96 47.84
N ASP A 15 4.01 -15.89 47.16
CA ASP A 15 4.94 -14.93 46.51
C ASP A 15 5.89 -14.35 47.58
N SER A 16 7.21 -14.44 47.36
CA SER A 16 8.25 -13.95 48.32
C SER A 16 8.59 -12.47 48.04
N THR A 17 7.69 -11.73 47.37
CA THR A 17 7.85 -10.32 46.91
C THR A 17 9.22 -10.11 46.22
N SER A 18 9.58 -11.04 45.31
CA SER A 18 10.86 -11.10 44.56
C SER A 18 10.69 -10.50 43.17
N PRO A 19 11.75 -10.47 42.33
CA PRO A 19 11.61 -10.06 40.93
C PRO A 19 10.66 -10.95 40.10
N VAL A 20 10.47 -12.20 40.52
CA VAL A 20 9.73 -13.28 39.77
C VAL A 20 8.29 -12.82 39.50
N ASN A 21 7.74 -11.90 40.30
CA ASN A 21 6.32 -11.46 40.19
C ASN A 21 6.07 -10.71 38.87
N GLU A 22 7.12 -10.13 38.27
CA GLU A 22 7.05 -9.42 36.97
C GLU A 22 7.50 -10.35 35.82
N GLN A 23 8.28 -11.40 36.12
CA GLN A 23 8.83 -12.37 35.13
C GLN A 23 7.73 -13.27 34.56
N ILE A 24 6.59 -13.39 35.27
CA ILE A 24 5.51 -14.36 34.92
C ILE A 24 4.55 -13.69 33.95
N THR A 25 4.21 -14.39 32.87
CA THR A 25 3.36 -13.90 31.76
C THR A 25 1.89 -14.12 32.15
N ASN A 26 1.54 -15.34 32.54
CA ASN A 26 0.14 -15.72 32.89
C ASN A 26 0.09 -16.36 34.26
N PRO A 27 0.15 -15.58 35.37
CA PRO A 27 0.16 -16.13 36.73
C PRO A 27 -1.16 -16.86 37.04
N ALA A 28 -2.27 -16.43 36.42
CA ALA A 28 -3.62 -17.01 36.57
C ALA A 28 -3.54 -18.52 36.30
N LEU A 29 -3.18 -18.92 35.08
CA LEU A 29 -3.14 -20.33 34.65
C LEU A 29 -2.06 -21.09 35.45
N VAL A 30 -0.98 -20.42 35.86
CA VAL A 30 0.14 -21.05 36.63
C VAL A 30 -0.42 -21.59 37.94
N GLU A 31 -1.08 -20.73 38.72
CA GLU A 31 -1.59 -21.09 40.08
C GLU A 31 -2.67 -22.14 39.88
N GLN A 32 -3.45 -22.05 38.81
CA GLN A 32 -4.53 -23.04 38.52
C GLN A 32 -3.93 -24.43 38.26
N ILE A 33 -2.78 -24.51 37.59
CA ILE A 33 -2.07 -25.80 37.28
C ILE A 33 -1.44 -26.34 38.56
N TYR A 34 -1.11 -25.46 39.52
CA TYR A 34 -0.52 -25.82 40.84
C TYR A 34 -1.65 -26.31 41.77
N HIS A 35 -2.70 -25.50 41.98
CA HIS A 35 -3.93 -25.88 42.74
C HIS A 35 -4.41 -27.28 42.33
N SER A 36 -4.40 -27.57 41.02
CA SER A 36 -4.89 -28.86 40.44
C SER A 36 -3.93 -30.02 40.73
N ASN A 37 -2.64 -29.74 40.99
CA ASN A 37 -1.60 -30.76 41.25
C ASN A 37 -1.06 -30.53 42.67
N ASN A 38 -1.90 -29.94 43.52
CA ASN A 38 -1.81 -29.95 45.01
C ASN A 38 -0.74 -28.93 45.46
N ASP A 39 -0.54 -27.85 44.71
CA ASP A 39 0.48 -26.80 45.01
C ASP A 39 1.79 -27.48 45.43
N GLN A 40 2.37 -28.30 44.55
CA GLN A 40 3.68 -29.00 44.76
C GLN A 40 4.72 -28.53 43.74
N LEU A 41 6.02 -28.63 44.07
CA LEU A 41 7.14 -28.39 43.12
C LEU A 41 7.09 -29.45 42.02
N LEU A 42 7.24 -29.03 40.76
CA LEU A 42 7.24 -29.93 39.57
C LEU A 42 8.70 -30.15 39.11
N TRP A 43 9.54 -29.14 39.26
CA TRP A 43 10.91 -29.08 38.68
C TRP A 43 11.96 -29.57 39.67
N SER A 44 11.56 -30.20 40.78
CA SER A 44 12.51 -30.75 41.79
C SER A 44 13.36 -31.84 41.14
N ASP A 45 12.85 -32.52 40.11
CA ASP A 45 13.65 -33.43 39.26
C ASP A 45 14.68 -32.60 38.49
N LEU A 46 15.97 -32.73 38.83
CA LEU A 46 17.06 -31.93 38.21
C LEU A 46 17.24 -32.32 36.74
N ALA A 47 17.37 -33.61 36.46
CA ALA A 47 17.61 -34.18 35.12
C ALA A 47 16.44 -33.84 34.16
N THR A 48 15.36 -33.25 34.69
CA THR A 48 14.20 -32.71 33.91
C THR A 48 14.34 -31.19 33.77
N ALA A 49 14.80 -30.50 34.81
CA ALA A 49 15.14 -29.05 34.78
C ALA A 49 16.24 -28.83 33.75
N ASN A 50 17.22 -29.73 33.70
CA ASN A 50 18.29 -29.75 32.67
C ASN A 50 17.65 -29.79 31.28
N HIS A 51 16.89 -30.84 31.00
CA HIS A 51 16.27 -31.10 29.66
C HIS A 51 15.47 -29.88 29.20
N PHE A 52 14.89 -29.09 30.10
CA PHE A 52 14.12 -27.88 29.73
C PHE A 52 15.08 -26.73 29.42
N GLU A 53 16.08 -26.49 30.29
CA GLU A 53 17.17 -25.53 30.04
C GLU A 53 17.85 -25.86 28.70
N ALA A 54 18.25 -27.13 28.53
CA ALA A 54 18.86 -27.65 27.29
C ALA A 54 18.13 -27.09 26.07
N GLN A 55 16.79 -27.20 26.06
CA GLN A 55 15.93 -26.84 24.90
C GLN A 55 15.78 -25.34 24.78
N LEU A 56 15.83 -24.63 25.89
CA LEU A 56 15.77 -23.14 25.89
C LEU A 56 17.12 -22.61 25.39
N GLU A 57 18.23 -23.26 25.78
CA GLU A 57 19.58 -22.95 25.28
C GLU A 57 19.50 -22.83 23.76
N VAL A 58 18.93 -23.85 23.10
CA VAL A 58 18.73 -23.94 21.62
C VAL A 58 18.05 -22.66 21.14
N ILE A 59 16.89 -22.34 21.72
CA ILE A 59 16.10 -21.13 21.37
C ILE A 59 16.94 -19.89 21.66
N HIS A 60 17.68 -19.85 22.76
CA HIS A 60 18.63 -18.76 23.08
C HIS A 60 19.64 -18.60 21.94
N ARG A 61 20.28 -19.71 21.56
CA ARG A 61 21.43 -19.70 20.63
C ARG A 61 20.97 -19.23 19.25
N ALA A 62 19.71 -19.51 18.90
CA ALA A 62 19.06 -19.14 17.62
C ALA A 62 18.76 -17.64 17.61
N SER A 63 18.76 -17.00 18.78
CA SER A 63 18.77 -15.52 18.96
C SER A 63 17.61 -14.85 18.21
N PHE A 64 16.47 -15.54 18.07
CA PHE A 64 15.24 -15.01 17.41
C PHE A 64 14.18 -14.64 18.46
N SER A 65 14.35 -15.11 19.69
CA SER A 65 13.44 -14.84 20.83
C SER A 65 14.23 -14.10 21.92
N PRO A 66 13.93 -12.81 22.14
CA PRO A 66 14.43 -12.10 23.31
C PRO A 66 13.80 -12.72 24.58
N LEU A 67 12.49 -13.00 24.51
CA LEU A 67 11.65 -13.46 25.64
C LEU A 67 12.30 -14.68 26.29
N PHE A 68 12.35 -15.80 25.56
CA PHE A 68 12.93 -17.07 26.03
C PHE A 68 14.40 -16.89 26.43
N SER A 69 15.16 -16.03 25.75
CA SER A 69 16.57 -15.73 26.12
C SER A 69 16.57 -15.19 27.56
N ARG A 70 15.77 -14.15 27.84
CA ARG A 70 15.80 -13.50 29.18
C ARG A 70 15.35 -14.50 30.25
N GLN A 71 14.27 -15.27 30.05
CA GLN A 71 13.70 -16.21 31.06
C GLN A 71 14.72 -17.31 31.34
N LEU A 72 15.42 -17.79 30.29
CA LEU A 72 16.52 -18.79 30.39
C LEU A 72 17.61 -18.25 31.33
N PHE A 73 17.99 -16.97 31.20
CA PHE A 73 19.06 -16.31 32.00
C PHE A 73 18.51 -16.04 33.41
N ALA A 74 17.21 -15.77 33.52
CA ALA A 74 16.49 -15.60 34.81
C ALA A 74 16.50 -16.92 35.58
N LEU A 75 16.18 -18.03 34.91
CA LEU A 75 16.24 -19.39 35.52
C LEU A 75 17.69 -19.69 35.90
N LYS A 76 18.62 -19.59 34.95
CA LYS A 76 20.07 -19.91 35.16
C LYS A 76 20.58 -19.07 36.34
N SER A 77 20.02 -17.88 36.54
CA SER A 77 20.30 -16.98 37.71
C SER A 77 19.82 -17.65 39.01
N TYR A 78 18.54 -18.03 39.08
CA TYR A 78 17.91 -18.66 40.26
C TYR A 78 18.50 -20.07 40.51
N ARG A 79 19.11 -20.70 39.52
CA ARG A 79 19.75 -22.04 39.67
C ARG A 79 21.13 -21.87 40.31
N GLN A 80 21.80 -20.76 40.01
CA GLN A 80 23.17 -20.43 40.50
C GLN A 80 23.08 -19.82 41.90
N GLN A 81 21.91 -19.24 42.24
CA GLN A 81 21.64 -18.67 43.58
C GLN A 81 20.96 -19.74 44.46
N ASP A 82 20.56 -20.86 43.87
CA ASP A 82 20.02 -22.05 44.56
C ASP A 82 18.60 -21.76 45.10
N ARG A 83 17.90 -20.79 44.50
CA ARG A 83 16.55 -20.29 44.89
C ARG A 83 15.44 -21.08 44.18
N TRP A 84 15.52 -22.43 44.23
CA TRP A 84 14.72 -23.39 43.40
C TRP A 84 13.20 -23.20 43.56
N HIS A 85 12.74 -22.54 44.63
CA HIS A 85 11.30 -22.20 44.83
C HIS A 85 10.83 -21.36 43.65
N GLU A 86 11.60 -20.33 43.30
CA GLU A 86 11.26 -19.31 42.27
C GLU A 86 11.48 -19.88 40.86
N TYR A 87 12.54 -20.69 40.70
CA TYR A 87 12.90 -21.42 39.46
C TYR A 87 11.75 -22.36 39.05
N ASP A 88 11.05 -22.92 40.05
CA ASP A 88 9.92 -23.85 39.84
C ASP A 88 8.75 -23.08 39.20
N VAL A 89 8.43 -21.90 39.72
CA VAL A 89 7.27 -21.09 39.27
C VAL A 89 7.52 -20.61 37.84
N LEU A 90 8.62 -19.87 37.62
CA LEU A 90 8.99 -19.30 36.30
C LEU A 90 8.97 -20.41 35.24
N ALA A 91 9.69 -21.50 35.53
CA ALA A 91 9.85 -22.69 34.64
C ALA A 91 8.49 -23.15 34.10
N THR A 92 7.45 -23.14 34.94
CA THR A 92 6.07 -23.52 34.56
C THR A 92 5.51 -22.47 33.60
N ASP A 93 5.55 -21.18 33.96
CA ASP A 93 5.08 -20.09 33.06
C ASP A 93 5.76 -20.27 31.71
N THR A 94 7.08 -20.40 31.73
CA THR A 94 7.96 -20.58 30.55
C THR A 94 7.51 -21.82 29.76
N LEU A 95 7.19 -22.94 30.43
CA LEU A 95 6.79 -24.20 29.75
C LEU A 95 5.47 -24.00 29.00
N LEU A 96 4.55 -23.20 29.56
CA LEU A 96 3.30 -22.79 28.88
C LEU A 96 3.68 -21.95 27.65
N GLN A 97 4.57 -20.97 27.82
CA GLN A 97 5.13 -20.17 26.71
C GLN A 97 5.66 -21.15 25.66
N TYR A 98 6.49 -22.11 26.08
CA TYR A 98 7.12 -23.12 25.17
C TYR A 98 6.03 -23.82 24.36
N LEU A 99 4.93 -24.20 25.01
CA LEU A 99 3.85 -25.00 24.39
C LEU A 99 3.03 -24.14 23.42
N SER A 100 2.68 -22.91 23.79
CA SER A 100 2.10 -21.92 22.85
C SER A 100 3.04 -21.84 21.65
N TYR A 101 4.32 -21.57 21.91
CA TYR A 101 5.40 -21.44 20.89
C TYR A 101 5.33 -22.64 19.95
N ALA A 102 5.40 -23.86 20.47
CA ALA A 102 5.37 -25.11 19.66
C ALA A 102 4.12 -25.13 18.77
N GLU A 103 2.97 -24.75 19.35
CA GLU A 103 1.61 -24.89 18.77
C GLU A 103 1.37 -23.81 17.71
N GLN A 104 1.73 -22.56 18.03
CA GLN A 104 1.46 -21.35 17.20
C GLN A 104 2.53 -21.14 16.13
N ALA A 105 3.69 -21.80 16.24
CA ALA A 105 4.81 -21.63 15.30
C ALA A 105 4.33 -21.85 13.87
N PRO A 106 3.77 -23.04 13.50
CA PRO A 106 3.40 -23.28 12.11
C PRO A 106 2.35 -22.31 11.53
N LYS A 107 1.67 -21.53 12.38
CA LYS A 107 0.59 -20.59 11.99
C LYS A 107 1.14 -19.17 11.84
N VAL A 108 1.74 -18.58 12.89
CA VAL A 108 2.16 -17.15 12.88
C VAL A 108 3.69 -17.03 13.04
N GLY A 109 4.42 -18.14 12.88
CA GLY A 109 5.85 -18.23 13.29
C GLY A 109 6.76 -17.39 12.42
N ILE A 110 6.45 -17.27 11.12
CA ILE A 110 7.18 -16.43 10.13
C ILE A 110 7.54 -15.09 10.77
N ALA A 111 6.58 -14.49 11.48
CA ALA A 111 6.71 -13.20 12.19
C ALA A 111 7.91 -13.20 13.14
N TRP A 112 8.23 -14.33 13.78
CA TRP A 112 9.27 -14.40 14.83
C TRP A 112 10.67 -14.51 14.21
N PHE A 113 10.80 -15.19 13.07
CA PHE A 113 12.12 -15.58 12.50
C PHE A 113 12.58 -14.62 11.41
N PHE A 114 11.66 -13.91 10.73
CA PHE A 114 11.97 -13.17 9.48
C PHE A 114 11.42 -11.74 9.52
N GLU A 115 10.11 -11.57 9.74
CA GLU A 115 9.44 -10.24 9.77
C GLU A 115 9.82 -9.49 11.06
N GLY A 116 9.91 -10.18 12.19
CA GLY A 116 10.23 -9.57 13.50
C GLY A 116 10.94 -10.54 14.43
N GLN A 117 10.43 -10.69 15.65
CA GLN A 117 11.05 -11.54 16.72
C GLN A 117 9.96 -12.00 17.67
N LEU A 118 10.23 -13.04 18.47
CA LEU A 118 9.34 -13.49 19.58
C LEU A 118 9.72 -12.71 20.84
N ASP A 119 9.34 -11.43 20.88
CA ASP A 119 9.75 -10.43 21.92
C ASP A 119 8.75 -10.49 23.09
N GLN A 120 7.47 -10.69 22.82
CA GLN A 120 6.39 -10.50 23.82
C GLN A 120 5.69 -11.85 24.07
N PRO A 121 5.24 -12.10 25.33
CA PRO A 121 4.54 -13.34 25.70
C PRO A 121 3.37 -13.75 24.79
N LEU A 122 3.15 -15.06 24.69
CA LEU A 122 2.11 -15.67 23.81
C LEU A 122 0.82 -15.88 24.61
N ALA A 123 -0.31 -15.94 23.90
CA ALA A 123 -1.58 -16.50 24.40
C ALA A 123 -1.27 -17.82 25.10
N PRO A 124 -2.03 -18.21 26.14
CA PRO A 124 -1.86 -19.52 26.76
C PRO A 124 -2.19 -20.66 25.80
N PRO A 125 -1.55 -21.83 25.95
CA PRO A 125 -1.69 -22.92 24.99
C PRO A 125 -3.11 -23.51 24.99
N SER A 126 -3.47 -24.22 23.93
CA SER A 126 -4.82 -24.81 23.71
C SER A 126 -5.16 -25.80 24.83
N GLU A 127 -6.46 -26.03 25.06
CA GLU A 127 -6.99 -27.00 26.05
C GLU A 127 -6.23 -28.33 25.87
N GLU A 128 -6.22 -28.88 24.65
CA GLU A 128 -5.55 -30.17 24.32
C GLU A 128 -4.18 -30.22 25.01
N ALA A 129 -3.42 -29.12 24.98
CA ALA A 129 -2.04 -29.02 25.50
C ALA A 129 -2.07 -29.00 27.03
N GLN A 130 -2.89 -28.14 27.62
CA GLN A 130 -2.99 -27.94 29.09
C GLN A 130 -3.30 -29.28 29.77
N LEU A 131 -4.23 -30.05 29.21
CA LEU A 131 -4.57 -31.43 29.69
C LEU A 131 -3.30 -32.27 29.61
N ALA A 132 -2.69 -32.33 28.42
CA ALA A 132 -1.46 -33.10 28.12
C ALA A 132 -0.39 -32.74 29.15
N LEU A 133 -0.35 -31.49 29.61
CA LEU A 133 0.57 -31.00 30.68
C LEU A 133 0.14 -31.62 32.02
N HIS A 134 -1.07 -31.28 32.50
CA HIS A 134 -1.68 -31.76 33.77
C HIS A 134 -1.52 -33.29 33.86
N MET A 135 -1.81 -33.97 32.76
CA MET A 135 -1.74 -35.46 32.62
C MET A 135 -0.27 -35.90 32.71
N ALA A 136 0.65 -35.19 32.07
CA ALA A 136 2.10 -35.50 32.05
C ALA A 136 2.74 -35.15 33.40
N ILE A 137 2.24 -34.16 34.15
CA ILE A 137 2.84 -33.86 35.49
C ILE A 137 2.35 -34.92 36.49
N GLY A 138 1.15 -35.48 36.27
CA GLY A 138 0.65 -36.70 36.94
C GLY A 138 1.67 -37.83 36.90
N ASN A 139 2.08 -38.24 35.70
CA ASN A 139 3.07 -39.34 35.45
C ASN A 139 4.51 -38.82 35.56
N GLN A 140 4.70 -37.55 35.95
CA GLN A 140 6.01 -36.88 36.06
C GLN A 140 6.83 -37.16 34.80
N SER A 141 6.22 -36.90 33.63
CA SER A 141 6.83 -37.10 32.29
C SER A 141 6.90 -35.74 31.57
N LEU A 142 7.20 -34.67 32.31
CA LEU A 142 7.42 -33.29 31.80
C LEU A 142 8.41 -33.32 30.63
N ALA A 143 9.55 -33.99 30.84
CA ALA A 143 10.57 -34.26 29.80
C ALA A 143 9.87 -34.69 28.52
N ARG A 144 9.19 -35.84 28.56
CA ARG A 144 8.55 -36.47 27.38
C ARG A 144 7.55 -35.53 26.72
N LEU A 145 6.88 -34.69 27.50
CA LEU A 145 5.92 -33.70 26.96
C LEU A 145 6.66 -32.75 26.01
N MET A 146 7.71 -32.09 26.53
CA MET A 146 8.59 -31.16 25.77
C MET A 146 8.98 -31.80 24.43
N ASP A 147 9.36 -33.08 24.45
CA ASP A 147 9.83 -33.86 23.28
C ASP A 147 8.66 -34.17 22.34
N GLU A 148 7.44 -34.32 22.88
CA GLU A 148 6.20 -34.58 22.09
C GLU A 148 5.82 -33.29 21.35
N TYR A 149 6.18 -32.13 21.91
CA TYR A 149 5.88 -30.78 21.34
C TYR A 149 7.12 -30.20 20.64
N THR A 150 8.02 -31.08 20.19
CA THR A 150 8.96 -30.83 19.08
C THR A 150 8.40 -31.50 17.83
N PRO A 151 8.82 -31.09 16.61
CA PRO A 151 8.33 -31.72 15.39
C PRO A 151 8.74 -33.19 15.35
N GLN A 152 7.76 -34.09 15.16
CA GLN A 152 8.00 -35.55 14.91
C GLN A 152 8.40 -35.68 13.43
N ASP A 153 9.44 -34.95 13.05
CA ASP A 153 9.92 -34.78 11.66
C ASP A 153 11.42 -35.09 11.66
N PRO A 154 11.87 -36.19 10.98
CA PRO A 154 13.28 -36.56 11.00
C PRO A 154 14.22 -35.44 10.54
N ALA A 155 13.77 -34.55 9.67
CA ALA A 155 14.48 -33.30 9.32
C ALA A 155 14.88 -32.55 10.60
N TYR A 156 14.00 -32.49 11.60
CA TYR A 156 14.23 -31.76 12.88
C TYR A 156 15.16 -32.58 13.76
N GLN A 157 14.84 -33.88 13.93
CA GLN A 157 15.62 -34.85 14.73
C GLN A 157 17.10 -34.71 14.35
N GLN A 158 17.40 -34.78 13.05
CA GLN A 158 18.78 -34.87 12.52
C GLN A 158 19.56 -33.64 12.93
N LEU A 159 18.99 -32.44 12.74
CA LEU A 159 19.71 -31.18 13.08
C LEU A 159 20.00 -31.17 14.57
N LEU A 160 19.03 -31.57 15.38
CA LEU A 160 19.16 -31.61 16.85
C LEU A 160 20.25 -32.61 17.22
N GLN A 161 20.24 -33.80 16.60
CA GLN A 161 21.26 -34.85 16.88
C GLN A 161 22.64 -34.24 16.71
N ALA A 162 22.89 -33.67 15.53
CA ALA A 162 24.18 -33.02 15.20
C ALA A 162 24.47 -31.94 16.23
N TYR A 163 23.48 -31.14 16.60
CA TYR A 163 23.62 -30.06 17.61
C TYR A 163 24.17 -30.66 18.90
N GLN A 164 23.56 -31.77 19.35
CA GLN A 164 23.95 -32.41 20.62
C GLN A 164 25.40 -32.88 20.50
N SER A 165 25.73 -33.55 19.40
CA SER A 165 27.09 -34.08 19.12
C SER A 165 28.10 -32.92 19.19
N LEU A 166 27.89 -31.85 18.44
CA LEU A 166 28.87 -30.75 18.32
C LEU A 166 28.94 -30.00 19.65
N SER A 167 27.90 -30.05 20.48
CA SER A 167 27.86 -29.31 21.77
C SER A 167 28.98 -29.83 22.68
N SER A 168 29.24 -31.14 22.62
CA SER A 168 30.31 -31.83 23.39
C SER A 168 31.69 -31.31 22.97
N ILE A 169 31.95 -31.17 21.67
CA ILE A 169 33.26 -30.73 21.11
C ILE A 169 33.28 -29.20 20.95
N GLU A 170 32.22 -28.49 21.34
CA GLU A 170 32.26 -27.00 21.42
C GLU A 170 33.27 -26.64 22.51
N PHE A 171 34.09 -25.61 22.28
CA PHE A 171 35.09 -25.09 23.24
C PHE A 171 36.35 -25.97 23.25
N ASN A 172 36.39 -27.06 22.48
CA ASN A 172 37.63 -27.88 22.29
C ASN A 172 38.46 -27.19 21.21
N GLU A 173 39.74 -26.95 21.49
CA GLU A 173 40.62 -26.17 20.59
C GLU A 173 40.82 -26.94 19.28
N VAL A 174 40.50 -26.30 18.16
CA VAL A 174 40.76 -26.79 16.78
C VAL A 174 41.54 -25.71 16.04
N ALA A 175 42.74 -26.01 15.58
CA ALA A 175 43.60 -25.05 14.86
C ALA A 175 42.79 -24.51 13.70
N LEU A 176 42.93 -23.21 13.38
CA LEU A 176 42.44 -22.63 12.11
C LEU A 176 43.33 -23.14 10.97
N TYR A 177 42.73 -23.60 9.87
CA TYR A 177 43.44 -23.79 8.59
C TYR A 177 43.78 -22.40 8.06
N GLU A 178 45.07 -22.11 7.91
CA GLU A 178 45.62 -20.92 7.22
C GLU A 178 46.47 -21.38 6.04
N GLN A 179 46.60 -20.55 5.01
CA GLN A 179 47.50 -20.78 3.85
C GLN A 179 48.07 -19.43 3.40
N MET A 180 49.35 -19.41 3.00
CA MET A 180 50.09 -18.17 2.63
C MET A 180 49.53 -17.61 1.31
N GLU A 181 49.25 -18.48 0.33
CA GLU A 181 48.67 -18.11 -0.99
C GLU A 181 47.15 -17.92 -0.83
N ARG A 182 46.48 -17.29 -1.80
CA ARG A 182 45.01 -17.08 -1.76
C ARG A 182 44.29 -18.37 -2.16
N LEU A 183 44.77 -19.05 -3.22
CA LEU A 183 44.17 -20.30 -3.77
C LEU A 183 45.16 -21.47 -3.61
N LYS A 184 44.68 -22.63 -3.19
CA LYS A 184 45.46 -23.89 -3.23
C LYS A 184 44.72 -24.91 -4.11
N ARG A 185 45.29 -25.21 -5.28
CA ARG A 185 44.73 -26.15 -6.28
C ARG A 185 45.37 -27.51 -6.02
N PRO A 186 44.74 -28.62 -6.44
CA PRO A 186 45.37 -29.93 -6.31
C PRO A 186 46.81 -29.89 -6.87
N GLY A 187 47.78 -30.35 -6.08
CA GLY A 187 49.20 -30.44 -6.47
C GLY A 187 50.07 -29.35 -5.85
N ASP A 188 49.50 -28.19 -5.52
CA ASP A 188 50.21 -27.09 -4.80
C ASP A 188 50.60 -27.60 -3.41
N PRO A 189 51.73 -27.14 -2.80
CA PRO A 189 52.09 -27.55 -1.45
C PRO A 189 51.17 -26.94 -0.37
N LEU A 190 51.10 -27.54 0.83
CA LEU A 190 50.16 -27.17 1.93
C LEU A 190 50.86 -27.03 3.29
N SER A 191 50.81 -25.82 3.87
CA SER A 191 51.54 -25.41 5.10
C SER A 191 50.79 -25.74 6.39
N HIS A 192 49.59 -26.34 6.34
CA HIS A 192 48.73 -26.60 7.54
C HIS A 192 47.81 -27.81 7.32
N ARG A 193 48.37 -28.93 6.87
CA ARG A 193 47.57 -30.13 6.50
C ARG A 193 46.79 -30.62 7.72
N GLU A 194 47.47 -30.78 8.86
CA GLU A 194 46.85 -31.36 10.09
C GLU A 194 45.55 -30.61 10.41
N ALA A 195 45.56 -29.28 10.31
CA ALA A 195 44.44 -28.37 10.66
C ALA A 195 43.30 -28.56 9.66
N LEU A 196 43.62 -28.51 8.36
CA LEU A 196 42.67 -28.72 7.24
C LEU A 196 41.91 -30.04 7.45
N VAL A 197 42.65 -31.13 7.66
CA VAL A 197 42.08 -32.50 7.82
C VAL A 197 41.13 -32.52 9.01
N GLN A 198 41.47 -31.87 10.13
CA GLN A 198 40.60 -31.82 11.34
C GLN A 198 39.26 -31.17 10.96
N ARG A 199 39.30 -30.07 10.21
CA ARG A 199 38.14 -29.19 9.95
C ARG A 199 37.23 -29.81 8.88
N LEU A 200 37.65 -30.92 8.27
CA LEU A 200 36.76 -31.80 7.46
C LEU A 200 36.07 -32.81 8.38
N ALA A 201 36.82 -33.46 9.27
CA ALA A 201 36.31 -34.42 10.27
C ALA A 201 35.24 -33.75 11.14
N LEU A 202 35.32 -32.43 11.27
CA LEU A 202 34.50 -31.60 12.19
C LEU A 202 33.09 -31.41 11.64
N VAL A 203 32.91 -31.36 10.32
CA VAL A 203 31.55 -31.39 9.69
C VAL A 203 31.24 -32.84 9.32
N ASN A 204 31.97 -33.79 9.91
CA ASN A 204 31.64 -35.24 9.88
C ASN A 204 31.80 -35.80 8.46
N LEU A 205 32.85 -35.39 7.75
CA LEU A 205 33.24 -35.98 6.43
C LEU A 205 34.25 -37.11 6.66
N ASP A 206 34.28 -38.08 5.73
CA ASP A 206 35.18 -39.26 5.79
C ASP A 206 36.63 -38.80 5.59
N THR A 207 37.35 -38.66 6.69
CA THR A 207 38.73 -38.12 6.77
C THR A 207 39.74 -39.28 6.77
N THR A 208 39.27 -40.53 6.76
CA THR A 208 40.03 -41.74 7.19
C THR A 208 40.96 -42.23 6.09
N SER A 209 40.65 -41.95 4.82
CA SER A 209 41.44 -42.36 3.63
C SER A 209 42.48 -41.30 3.26
N ILE A 210 42.49 -40.14 3.92
CA ILE A 210 43.45 -39.04 3.62
C ILE A 210 44.84 -39.47 4.10
N LEU A 211 45.84 -39.41 3.23
CA LEU A 211 47.24 -39.77 3.54
C LEU A 211 47.78 -38.81 4.61
N ASN A 212 48.77 -39.27 5.37
CA ASN A 212 49.20 -38.62 6.64
C ASN A 212 50.28 -37.56 6.39
N ASP A 213 51.49 -37.96 6.02
CA ASP A 213 52.68 -37.06 6.04
C ASP A 213 53.03 -36.60 4.62
N VAL A 214 52.18 -35.76 4.02
CA VAL A 214 52.28 -35.34 2.59
C VAL A 214 52.44 -33.82 2.52
N ALA A 215 53.53 -33.39 1.87
CA ALA A 215 53.91 -31.97 1.68
C ALA A 215 52.73 -31.18 1.10
N TYR A 216 51.82 -31.82 0.36
CA TYR A 216 51.00 -31.12 -0.66
C TYR A 216 49.55 -31.65 -0.75
N TYR A 217 48.78 -31.03 -1.65
CA TYR A 217 47.34 -31.29 -1.90
C TYR A 217 47.22 -32.44 -2.92
N ASP A 218 47.21 -33.67 -2.39
CA ASP A 218 47.21 -34.93 -3.17
C ASP A 218 45.76 -35.42 -3.40
N ALA A 219 45.62 -36.52 -4.13
CA ALA A 219 44.33 -37.13 -4.53
C ALA A 219 43.54 -37.47 -3.26
N SER A 220 44.22 -37.90 -2.20
CA SER A 220 43.59 -38.34 -0.93
C SER A 220 42.79 -37.18 -0.30
N LEU A 221 43.18 -35.92 -0.55
CA LEU A 221 42.47 -34.72 -0.04
C LEU A 221 41.35 -34.29 -1.01
N GLU A 222 41.37 -34.79 -2.24
CA GLU A 222 40.62 -34.13 -3.35
C GLU A 222 39.12 -34.36 -3.15
N LYS A 223 38.69 -35.61 -2.91
CA LYS A 223 37.25 -35.93 -2.71
C LYS A 223 36.76 -35.23 -1.45
N PRO A 224 37.37 -35.44 -0.27
CA PRO A 224 37.00 -34.70 0.94
C PRO A 224 36.68 -33.22 0.71
N ILE A 225 37.60 -32.51 0.02
CA ILE A 225 37.50 -31.04 -0.22
C ILE A 225 36.27 -30.75 -1.09
N LYS A 226 36.01 -31.59 -2.10
CA LYS A 226 34.87 -31.39 -3.03
C LYS A 226 33.57 -31.69 -2.28
N GLN A 227 33.49 -32.83 -1.62
CA GLN A 227 32.34 -33.21 -0.75
C GLN A 227 32.02 -32.05 0.18
N PHE A 228 33.06 -31.38 0.69
CA PHE A 228 32.97 -30.24 1.63
C PHE A 228 32.34 -29.04 0.90
N GLN A 229 32.81 -28.76 -0.31
CA GLN A 229 32.34 -27.61 -1.13
C GLN A 229 30.90 -27.87 -1.58
N LYS A 230 30.57 -29.12 -1.93
CA LYS A 230 29.20 -29.53 -2.26
C LYS A 230 28.29 -29.27 -1.06
N MET A 231 28.70 -29.79 0.10
CA MET A 231 27.99 -29.66 1.40
C MET A 231 27.64 -28.19 1.69
N HIS A 232 28.51 -27.24 1.38
CA HIS A 232 28.32 -25.79 1.66
C HIS A 232 27.76 -25.05 0.43
N GLY A 233 27.35 -25.79 -0.61
CA GLY A 233 26.78 -25.26 -1.85
C GLY A 233 27.74 -24.33 -2.56
N LEU A 234 29.04 -24.53 -2.35
CA LEU A 234 30.12 -23.78 -3.03
C LEU A 234 30.37 -24.42 -4.39
N GLN A 235 31.22 -23.77 -5.18
CA GLN A 235 31.75 -24.28 -6.46
C GLN A 235 32.56 -25.55 -6.14
N THR A 236 32.28 -26.65 -6.84
CA THR A 236 32.82 -28.02 -6.58
C THR A 236 34.12 -28.18 -7.38
N ASP A 237 35.05 -27.24 -7.22
CA ASP A 237 36.22 -27.07 -8.14
C ASP A 237 37.48 -27.64 -7.49
N GLY A 238 37.39 -28.18 -6.28
CA GLY A 238 38.56 -28.72 -5.57
C GLY A 238 39.52 -27.64 -5.12
N VAL A 239 39.34 -26.39 -5.56
CA VAL A 239 40.28 -25.27 -5.23
C VAL A 239 39.91 -24.69 -3.87
N ILE A 240 40.84 -24.74 -2.92
CA ILE A 240 40.66 -24.21 -1.54
C ILE A 240 40.88 -22.70 -1.59
N GLY A 241 39.89 -21.96 -2.08
CA GLY A 241 39.92 -20.48 -2.14
C GLY A 241 39.39 -19.87 -0.85
N PRO A 242 39.10 -18.54 -0.84
CA PRO A 242 38.53 -17.89 0.34
C PRO A 242 37.17 -18.46 0.78
N GLN A 243 36.24 -18.65 -0.17
CA GLN A 243 34.88 -19.17 0.08
C GLN A 243 34.97 -20.49 0.86
N THR A 244 35.82 -21.42 0.40
CA THR A 244 36.01 -22.76 1.00
C THR A 244 36.67 -22.64 2.38
N MET A 245 37.49 -21.63 2.62
CA MET A 245 38.17 -21.44 3.92
C MET A 245 37.18 -20.88 4.92
N LYS A 246 36.46 -19.81 4.55
CA LYS A 246 35.40 -19.19 5.39
C LYS A 246 34.66 -20.31 6.13
N TRP A 247 34.23 -21.35 5.41
CA TRP A 247 33.42 -22.45 5.99
C TRP A 247 34.32 -23.35 6.84
N LEU A 248 35.43 -23.86 6.31
CA LEU A 248 36.41 -24.69 7.06
C LEU A 248 36.63 -24.11 8.45
N ASN A 249 36.81 -22.78 8.54
CA ASN A 249 37.21 -22.05 9.76
C ASN A 249 36.02 -21.75 10.69
N THR A 250 34.77 -21.66 10.21
CA THR A 250 33.58 -21.47 11.08
C THR A 250 33.74 -22.36 12.33
N SER A 251 33.69 -21.72 13.51
CA SER A 251 33.79 -22.34 14.85
C SER A 251 32.57 -23.23 15.12
N VAL A 252 32.75 -24.24 15.97
CA VAL A 252 31.65 -25.17 16.37
C VAL A 252 30.50 -24.33 16.91
N THR A 253 30.79 -23.38 17.80
CA THR A 253 29.82 -22.35 18.28
C THR A 253 28.95 -21.86 17.11
N GLU A 254 29.58 -21.37 16.04
CA GLU A 254 28.89 -20.77 14.87
C GLU A 254 27.96 -21.79 14.22
N ARG A 255 28.41 -23.06 14.07
CA ARG A 255 27.61 -24.13 13.41
C ARG A 255 26.40 -24.46 14.29
N LEU A 256 26.66 -24.78 15.55
CA LEU A 256 25.60 -25.00 16.57
C LEU A 256 24.54 -23.92 16.40
N ALA A 257 24.93 -22.64 16.37
CA ALA A 257 24.01 -21.51 16.19
C ALA A 257 23.14 -21.72 14.94
N LEU A 258 23.74 -22.13 13.81
CA LEU A 258 22.98 -22.37 12.56
C LEU A 258 22.04 -23.55 12.75
N LEU A 259 22.55 -24.67 13.26
CA LEU A 259 21.73 -25.87 13.58
C LEU A 259 20.53 -25.44 14.43
N ALA A 260 20.78 -24.75 15.55
CA ALA A 260 19.76 -24.28 16.51
C ALA A 260 18.70 -23.48 15.74
N LEU A 261 19.12 -22.42 15.06
CA LEU A 261 18.21 -21.51 14.32
C LEU A 261 17.42 -22.33 13.29
N ASN A 262 18.11 -23.05 12.41
CA ASN A 262 17.46 -23.78 11.28
C ASN A 262 16.58 -24.90 11.83
N ALA A 263 16.93 -25.47 12.99
CA ALA A 263 16.09 -26.48 13.70
C ALA A 263 14.78 -25.81 14.11
N GLU A 264 14.84 -24.83 15.00
CA GLU A 264 13.64 -24.12 15.52
C GLU A 264 12.89 -23.49 14.33
N ARG A 265 13.56 -23.25 13.20
CA ARG A 265 12.90 -22.74 11.97
C ARG A 265 11.96 -23.81 11.41
N ILE A 266 12.31 -25.09 11.52
CA ILE A 266 11.53 -26.21 10.90
C ILE A 266 10.13 -26.25 11.52
N ARG A 267 9.95 -25.64 12.68
CA ARG A 267 8.61 -25.51 13.31
C ARG A 267 7.67 -24.79 12.35
N LEU A 268 8.19 -23.81 11.59
CA LEU A 268 7.43 -22.99 10.61
C LEU A 268 6.98 -23.85 9.42
N TRP A 269 7.79 -24.81 8.99
CA TRP A 269 7.48 -25.67 7.82
C TRP A 269 7.00 -27.06 8.28
N PRO A 270 5.76 -27.44 7.93
CA PRO A 270 5.20 -28.73 8.36
C PRO A 270 5.92 -29.98 7.82
N THR A 271 6.39 -29.95 6.56
CA THR A 271 7.02 -31.10 5.87
C THR A 271 5.93 -32.09 5.42
N GLN A 272 4.69 -31.61 5.23
CA GLN A 272 3.56 -32.39 4.65
C GLN A 272 3.79 -32.64 3.15
N GLN A 273 3.72 -33.90 2.73
CA GLN A 273 4.16 -34.33 1.38
C GLN A 273 2.98 -34.91 0.60
N ASP A 274 1.75 -34.80 1.13
CA ASP A 274 0.54 -35.24 0.40
C ASP A 274 0.46 -34.46 -0.93
N SER A 275 0.58 -33.13 -0.85
CA SER A 275 0.75 -32.25 -2.03
C SER A 275 1.33 -30.90 -1.64
N MET A 276 2.62 -30.65 -1.92
CA MET A 276 3.26 -29.33 -1.67
C MET A 276 4.46 -29.09 -2.58
N ILE A 277 4.69 -27.81 -2.88
CA ILE A 277 5.89 -27.24 -3.55
C ILE A 277 6.69 -26.49 -2.48
N VAL A 278 7.98 -26.80 -2.34
CA VAL A 278 8.89 -26.07 -1.40
C VAL A 278 10.03 -25.44 -2.21
N VAL A 279 10.22 -24.13 -2.04
CA VAL A 279 11.40 -23.40 -2.55
C VAL A 279 12.25 -23.03 -1.34
N ASN A 280 13.45 -23.60 -1.25
CA ASN A 280 14.45 -23.19 -0.25
C ASN A 280 15.31 -22.10 -0.89
N VAL A 281 15.14 -20.86 -0.46
CA VAL A 281 15.83 -19.69 -1.06
C VAL A 281 17.35 -19.87 -0.93
N PRO A 282 17.90 -20.05 0.29
CA PRO A 282 19.36 -20.10 0.44
C PRO A 282 19.99 -21.28 -0.32
N GLY A 283 19.21 -22.35 -0.48
CA GLY A 283 19.64 -23.57 -1.20
C GLY A 283 19.44 -23.42 -2.69
N PHE A 284 18.61 -22.46 -3.10
CA PHE A 284 18.28 -22.18 -4.51
C PHE A 284 17.75 -23.45 -5.18
N ASP A 285 17.09 -24.34 -4.42
CA ASP A 285 16.45 -25.57 -4.96
C ASP A 285 14.94 -25.47 -4.74
N MET A 286 14.20 -26.34 -5.44
CA MET A 286 12.72 -26.44 -5.36
C MET A 286 12.31 -27.90 -5.52
N LYS A 287 11.42 -28.39 -4.64
CA LYS A 287 10.85 -29.75 -4.75
C LYS A 287 9.32 -29.65 -4.77
N TYR A 288 8.68 -30.55 -5.50
CA TYR A 288 7.20 -30.72 -5.55
C TYR A 288 6.91 -32.15 -5.11
N TRP A 289 6.29 -32.31 -3.94
CA TRP A 289 5.90 -33.63 -3.39
C TRP A 289 4.41 -33.83 -3.72
N ASP A 290 4.06 -34.95 -4.37
CA ASP A 290 2.65 -35.35 -4.60
C ASP A 290 2.46 -36.83 -4.22
N ALA A 291 1.47 -37.11 -3.38
CA ALA A 291 1.21 -38.47 -2.86
C ALA A 291 2.46 -38.94 -2.09
N GLY A 292 2.99 -38.10 -1.19
CA GLY A 292 4.17 -38.45 -0.36
C GLY A 292 5.44 -38.68 -1.16
N ARG A 293 5.37 -38.57 -2.49
CA ARG A 293 6.49 -38.91 -3.42
C ARG A 293 7.05 -37.63 -4.04
N GLU A 294 8.35 -37.40 -3.94
CA GLU A 294 9.06 -36.32 -4.67
C GLU A 294 8.96 -36.58 -6.18
N VAL A 295 8.07 -35.86 -6.87
CA VAL A 295 7.83 -36.05 -8.34
C VAL A 295 8.77 -35.13 -9.14
N PHE A 296 9.25 -34.04 -8.54
CA PHE A 296 10.05 -33.00 -9.24
C PHE A 296 11.03 -32.26 -8.31
N GLU A 297 12.29 -32.21 -8.73
CA GLU A 297 13.37 -31.35 -8.14
C GLU A 297 13.94 -30.45 -9.24
N SER A 298 14.34 -29.23 -8.87
CA SER A 298 14.89 -28.23 -9.83
C SER A 298 15.71 -27.17 -9.10
N LYS A 299 16.74 -26.68 -9.78
CA LYS A 299 17.47 -25.46 -9.37
C LYS A 299 16.49 -24.29 -9.57
N VAL A 300 16.67 -23.22 -8.80
CA VAL A 300 15.89 -21.97 -8.99
C VAL A 300 16.80 -20.77 -8.82
N VAL A 301 16.57 -19.74 -9.61
CA VAL A 301 17.05 -18.36 -9.34
C VAL A 301 16.02 -17.72 -8.41
N VAL A 302 16.49 -16.95 -7.44
CA VAL A 302 15.65 -16.22 -6.44
C VAL A 302 16.04 -14.75 -6.48
N GLY A 303 15.34 -13.92 -5.70
CA GLY A 303 15.59 -12.47 -5.55
C GLY A 303 17.05 -12.21 -5.25
N LYS A 304 17.62 -11.18 -5.86
CA LYS A 304 18.97 -10.68 -5.49
C LYS A 304 18.84 -9.99 -4.12
N THR A 305 19.93 -9.90 -3.37
CA THR A 305 19.94 -9.44 -1.95
C THR A 305 19.18 -8.12 -1.82
N THR A 306 19.18 -7.30 -2.88
CA THR A 306 18.61 -5.93 -2.93
C THR A 306 17.10 -5.99 -3.22
N ARG A 307 16.62 -7.07 -3.83
CA ARG A 307 15.20 -7.28 -4.19
C ARG A 307 14.81 -8.71 -3.81
N PRO A 308 14.93 -9.06 -2.51
CA PRO A 308 14.87 -10.46 -2.07
C PRO A 308 13.49 -11.13 -2.18
N THR A 309 13.49 -12.41 -2.58
CA THR A 309 12.34 -13.34 -2.49
C THR A 309 11.96 -13.43 -1.01
N PRO A 310 10.73 -13.07 -0.64
CA PRO A 310 10.33 -13.10 0.77
C PRO A 310 10.03 -14.54 1.19
N VAL A 311 10.12 -14.81 2.49
CA VAL A 311 9.70 -16.11 3.10
C VAL A 311 8.17 -16.07 3.19
N MET A 312 7.46 -16.94 2.47
CA MET A 312 5.98 -16.87 2.46
C MET A 312 5.34 -18.22 2.13
N ASN A 313 4.07 -18.37 2.51
CA ASN A 313 3.18 -19.50 2.16
C ASN A 313 2.08 -18.97 1.26
N THR A 314 1.94 -19.53 0.07
CA THR A 314 0.93 -19.16 -0.96
C THR A 314 0.49 -20.46 -1.63
N LYS A 315 -0.24 -20.37 -2.74
CA LYS A 315 -0.90 -21.54 -3.35
C LYS A 315 -0.82 -21.37 -4.87
N LEU A 316 -0.47 -22.44 -5.57
CA LEU A 316 -0.41 -22.49 -7.04
C LEU A 316 -1.79 -22.90 -7.53
N ASP A 317 -2.55 -21.94 -8.07
CA ASP A 317 -3.96 -22.18 -8.53
C ASP A 317 -3.94 -22.55 -10.01
N SER A 318 -3.00 -22.00 -10.80
CA SER A 318 -3.03 -22.11 -12.27
C SER A 318 -1.62 -22.08 -12.88
N LEU A 319 -1.54 -22.57 -14.10
CA LEU A 319 -0.34 -22.56 -14.97
C LEU A 319 -0.69 -21.74 -16.23
N ILE A 320 0.18 -20.82 -16.63
CA ILE A 320 0.02 -20.05 -17.89
C ILE A 320 1.10 -20.50 -18.87
N ILE A 321 0.71 -20.92 -20.08
CA ILE A 321 1.67 -21.36 -21.14
C ILE A 321 1.81 -20.25 -22.18
N ASN A 322 3.05 -20.00 -22.62
CA ASN A 322 3.46 -18.83 -23.44
C ASN A 322 2.95 -17.56 -22.77
N PRO A 323 3.29 -17.32 -21.48
CA PRO A 323 2.72 -16.19 -20.76
C PRO A 323 3.29 -14.88 -21.31
N THR A 324 2.46 -13.84 -21.33
CA THR A 324 2.91 -12.44 -21.49
C THR A 324 3.33 -11.99 -20.09
N TRP A 325 4.21 -11.00 -20.01
CA TRP A 325 4.74 -10.46 -18.74
C TRP A 325 4.33 -8.99 -18.61
N ASN A 326 3.37 -8.69 -17.74
CA ASN A 326 3.02 -7.29 -17.40
C ASN A 326 4.13 -6.78 -16.47
N VAL A 327 5.10 -6.09 -17.07
CA VAL A 327 6.29 -5.54 -16.36
C VAL A 327 5.83 -4.74 -15.14
N PRO A 328 6.30 -5.11 -13.93
CA PRO A 328 6.01 -4.36 -12.71
C PRO A 328 6.53 -2.91 -12.76
N HIS A 329 5.82 -2.00 -12.09
CA HIS A 329 6.10 -0.54 -12.11
C HIS A 329 7.53 -0.28 -11.61
N LYS A 330 7.97 -0.99 -10.57
CA LYS A 330 9.31 -0.82 -9.98
C LYS A 330 10.36 -1.02 -11.07
N ILE A 331 10.27 -2.12 -11.82
CA ILE A 331 11.27 -2.55 -12.85
C ILE A 331 11.23 -1.61 -14.05
N MET A 332 10.05 -1.14 -14.45
CA MET A 332 9.86 -0.14 -15.55
C MET A 332 10.70 1.10 -15.23
N VAL A 333 10.48 1.70 -14.06
CA VAL A 333 11.04 3.05 -13.70
C VAL A 333 12.49 2.92 -13.25
N GLU A 334 12.86 1.81 -12.61
CA GLU A 334 14.24 1.64 -12.07
C GLU A 334 15.16 1.09 -13.16
N ASP A 335 14.70 0.18 -14.05
CA ASP A 335 15.60 -0.57 -14.96
C ASP A 335 15.28 -0.25 -16.42
N ILE A 336 14.06 -0.54 -16.88
CA ILE A 336 13.75 -0.66 -18.33
C ILE A 336 13.74 0.73 -18.97
N LEU A 337 12.83 1.62 -18.55
CA LEU A 337 12.74 2.99 -19.13
C LEU A 337 14.12 3.62 -19.24
N PRO A 338 14.91 3.76 -18.14
CA PRO A 338 16.26 4.33 -18.22
C PRO A 338 17.11 3.85 -19.41
N MET A 339 16.89 2.59 -19.83
CA MET A 339 17.62 1.93 -20.94
C MET A 339 16.96 2.23 -22.28
N VAL A 340 15.63 2.47 -22.29
CA VAL A 340 14.85 2.89 -23.49
C VAL A 340 15.26 4.32 -23.86
N LYS A 341 15.71 5.10 -22.88
CA LYS A 341 16.17 6.51 -23.06
C LYS A 341 17.51 6.55 -23.80
N ARG A 342 18.27 5.44 -23.81
CA ARG A 342 19.53 5.28 -24.57
C ARG A 342 19.28 4.46 -25.84
N ASP A 343 18.90 3.19 -25.68
CA ASP A 343 18.67 2.20 -26.77
C ASP A 343 17.24 2.41 -27.30
N SER A 344 17.09 3.01 -28.49
CA SER A 344 15.77 3.25 -29.14
C SER A 344 15.32 2.00 -29.89
N GLU A 345 16.20 1.01 -30.04
CA GLU A 345 15.89 -0.32 -30.59
C GLU A 345 15.59 -1.31 -29.45
N TYR A 346 15.36 -0.82 -28.23
CA TYR A 346 15.21 -1.68 -27.02
C TYR A 346 13.86 -2.39 -27.06
N LEU A 347 12.78 -1.61 -27.17
CA LEU A 347 11.39 -2.13 -27.02
C LEU A 347 11.13 -3.20 -28.08
N ALA A 348 11.55 -2.95 -29.32
CA ALA A 348 11.46 -3.87 -30.47
C ALA A 348 12.25 -5.15 -30.19
N ASN A 349 13.45 -5.01 -29.60
CA ASN A 349 14.36 -6.16 -29.33
C ASN A 349 13.75 -7.06 -28.26
N HIS A 350 13.28 -6.47 -27.16
CA HIS A 350 12.71 -7.21 -26.00
C HIS A 350 11.22 -7.52 -26.25
N HIS A 351 10.68 -7.08 -27.38
CA HIS A 351 9.27 -7.31 -27.79
C HIS A 351 8.35 -6.78 -26.69
N MET A 352 8.52 -5.51 -26.31
CA MET A 352 7.70 -4.86 -25.27
C MET A 352 6.80 -3.78 -25.88
N GLU A 353 5.53 -3.81 -25.49
CA GLU A 353 4.49 -2.84 -25.92
C GLU A 353 4.26 -1.84 -24.79
N ILE A 354 3.81 -0.65 -25.17
CA ILE A 354 3.48 0.47 -24.24
C ILE A 354 1.96 0.58 -24.22
N ILE A 355 1.37 0.74 -23.04
CA ILE A 355 -0.05 0.35 -22.81
C ILE A 355 -0.68 1.33 -21.83
N ARG A 356 -1.79 1.92 -22.27
CA ARG A 356 -2.67 2.80 -21.48
C ARG A 356 -3.87 1.94 -21.17
N GLY A 357 -4.05 1.62 -19.88
CA GLY A 357 -5.24 0.90 -19.38
C GLY A 357 -4.87 -0.49 -18.87
N TRP A 358 -5.45 -0.86 -17.72
CA TRP A 358 -5.63 -2.26 -17.27
C TRP A 358 -6.91 -2.83 -17.92
N SER A 359 -7.89 -1.95 -18.16
CA SER A 359 -9.18 -2.25 -18.83
C SER A 359 -9.30 -1.43 -20.13
N ASP A 360 -9.88 -2.04 -21.17
CA ASP A 360 -9.78 -1.65 -22.62
C ASP A 360 -8.40 -1.05 -22.88
N PRO A 361 -7.34 -1.90 -22.90
CA PRO A 361 -5.97 -1.41 -23.05
C PRO A 361 -5.60 -1.23 -24.53
N GLU A 362 -5.18 -0.02 -24.91
CA GLU A 362 -4.63 0.27 -26.27
C GLU A 362 -3.10 0.18 -26.24
N VAL A 363 -2.50 -0.16 -27.38
CA VAL A 363 -1.03 -0.21 -27.59
C VAL A 363 -0.59 1.17 -28.08
N ILE A 364 0.08 1.94 -27.22
CA ILE A 364 0.64 3.28 -27.54
C ILE A 364 1.89 3.11 -28.42
N ASP A 365 1.98 3.90 -29.49
CA ASP A 365 3.12 3.84 -30.46
C ASP A 365 4.36 4.39 -29.77
N PRO A 366 5.51 3.67 -29.79
CA PRO A 366 6.71 4.15 -29.11
C PRO A 366 7.23 5.47 -29.71
N ALA A 367 7.35 5.54 -31.05
CA ALA A 367 7.89 6.71 -31.79
C ALA A 367 7.07 7.97 -31.49
N LEU A 368 5.81 7.84 -31.06
CA LEU A 368 4.91 8.98 -30.68
C LEU A 368 5.33 9.64 -29.36
N ILE A 369 6.48 9.26 -28.77
CA ILE A 369 6.87 9.65 -27.38
C ILE A 369 8.26 10.31 -27.41
N ASP A 370 8.35 11.56 -26.93
CA ASP A 370 9.59 12.35 -26.78
C ASP A 370 10.41 11.70 -25.66
N TRP A 371 11.37 10.82 -25.98
CA TRP A 371 11.99 9.86 -25.02
C TRP A 371 12.99 10.54 -24.08
N GLU A 372 13.75 11.53 -24.56
CA GLU A 372 14.73 12.27 -23.71
C GLU A 372 13.99 13.38 -22.95
N ALA A 373 12.66 13.42 -23.04
CA ALA A 373 11.75 14.28 -22.25
C ALA A 373 11.11 13.48 -21.10
N VAL A 374 10.94 12.16 -21.28
CA VAL A 374 10.29 11.23 -20.31
C VAL A 374 11.05 11.29 -18.98
N GLU A 375 10.32 11.41 -17.88
CA GLU A 375 10.81 11.10 -16.50
C GLU A 375 10.24 9.74 -16.13
N PRO A 376 11.11 8.69 -15.98
CA PRO A 376 10.63 7.34 -15.69
C PRO A 376 9.63 7.28 -14.53
N GLU A 377 9.88 8.03 -13.46
CA GLU A 377 9.07 7.98 -12.21
C GLU A 377 7.60 8.35 -12.50
N THR A 378 7.33 9.22 -13.48
CA THR A 378 5.96 9.72 -13.79
C THR A 378 5.47 9.23 -15.15
N PHE A 379 6.19 8.30 -15.79
CA PHE A 379 5.78 7.73 -17.10
C PHE A 379 4.40 7.12 -16.95
N PRO A 380 3.38 7.60 -17.71
CA PRO A 380 1.98 7.38 -17.37
C PRO A 380 1.42 6.03 -17.83
N TYR A 381 2.18 5.27 -18.61
CA TYR A 381 1.76 3.99 -19.21
C TYR A 381 2.51 2.84 -18.55
N ARG A 382 2.20 1.60 -18.95
CA ARG A 382 2.80 0.35 -18.41
C ARG A 382 3.36 -0.47 -19.59
N LEU A 383 4.39 -1.27 -19.33
CA LEU A 383 5.00 -2.16 -20.37
C LEU A 383 4.48 -3.59 -20.21
N ARG A 384 4.16 -4.21 -21.34
CA ARG A 384 3.66 -5.60 -21.45
C ARG A 384 4.49 -6.27 -22.52
N GLN A 385 5.35 -7.21 -22.12
CA GLN A 385 6.22 -7.98 -23.03
C GLN A 385 5.41 -9.10 -23.70
N GLN A 386 5.42 -9.15 -25.04
CA GLN A 386 4.70 -10.17 -25.84
C GLN A 386 5.22 -11.54 -25.40
N ALA A 387 4.42 -12.59 -25.51
CA ALA A 387 4.87 -13.99 -25.39
C ALA A 387 5.90 -14.27 -26.48
N GLY A 388 6.85 -15.16 -26.22
CA GLY A 388 8.03 -15.39 -27.05
C GLY A 388 8.99 -16.29 -26.31
N VAL A 389 9.97 -16.90 -26.98
CA VAL A 389 10.91 -17.81 -26.28
C VAL A 389 11.92 -16.96 -25.52
N GLN A 390 12.08 -15.67 -25.88
CA GLN A 390 12.95 -14.71 -25.15
C GLN A 390 12.14 -13.83 -24.19
N ASN A 391 10.83 -14.04 -24.04
CA ASN A 391 10.01 -13.40 -22.96
C ASN A 391 10.69 -13.67 -21.61
N ALA A 392 10.70 -12.69 -20.72
CA ALA A 392 11.31 -12.73 -19.37
C ALA A 392 10.81 -13.95 -18.59
N LEU A 393 9.54 -14.31 -18.78
CA LEU A 393 8.81 -15.39 -18.06
C LEU A 393 8.94 -16.71 -18.81
N GLY A 394 9.74 -16.74 -19.88
CA GLY A 394 9.88 -17.90 -20.77
C GLY A 394 8.52 -18.41 -21.23
N THR A 395 8.32 -19.72 -21.15
CA THR A 395 7.19 -20.43 -21.80
C THR A 395 6.12 -20.82 -20.78
N TYR A 396 6.35 -20.56 -19.49
CA TYR A 396 5.54 -21.08 -18.37
C TYR A 396 5.61 -20.14 -17.17
N LYS A 397 4.48 -19.54 -16.80
CA LYS A 397 4.32 -18.86 -15.48
C LYS A 397 3.45 -19.78 -14.61
N PHE A 398 3.88 -20.04 -13.39
CA PHE A 398 3.15 -20.88 -12.40
C PHE A 398 2.50 -19.92 -11.42
N ASN A 399 1.20 -19.64 -11.63
CA ASN A 399 0.44 -18.58 -10.95
C ASN A 399 0.38 -18.88 -9.44
N THR A 400 0.88 -17.96 -8.60
CA THR A 400 0.84 -18.09 -7.13
C THR A 400 0.32 -16.78 -6.56
N PRO A 401 -0.97 -16.45 -6.78
CA PRO A 401 -1.51 -15.16 -6.41
C PRO A 401 -1.15 -14.82 -4.96
N ASN A 402 -0.75 -13.58 -4.72
CA ASN A 402 -0.41 -13.04 -3.38
C ASN A 402 -0.11 -11.56 -3.54
N SER A 403 -0.14 -10.79 -2.45
CA SER A 403 -0.07 -9.30 -2.46
C SER A 403 1.24 -8.77 -3.07
N ARG A 404 2.35 -9.51 -2.95
CA ARG A 404 3.71 -9.06 -3.39
C ARG A 404 4.06 -9.56 -4.81
N ALA A 405 3.11 -10.19 -5.50
CA ALA A 405 3.24 -10.65 -6.91
C ALA A 405 4.51 -11.47 -7.09
N ILE A 406 4.83 -12.29 -6.09
CA ILE A 406 5.91 -13.33 -6.21
C ILE A 406 5.30 -14.56 -6.87
N TYR A 407 5.95 -15.08 -7.90
CA TYR A 407 5.54 -16.33 -8.60
C TYR A 407 6.78 -17.04 -9.13
N LEU A 408 6.57 -18.31 -9.48
CA LEU A 408 7.56 -19.14 -10.19
C LEU A 408 7.33 -18.95 -11.69
N HIS A 409 8.36 -19.13 -12.51
CA HIS A 409 8.29 -18.91 -13.98
C HIS A 409 9.52 -19.53 -14.64
N ASP A 410 9.40 -19.84 -15.93
CA ASP A 410 10.51 -20.25 -16.82
C ASP A 410 11.34 -19.00 -17.08
N THR A 411 12.56 -19.16 -17.60
CA THR A 411 13.46 -18.04 -17.93
C THR A 411 14.16 -18.37 -19.24
N PRO A 412 14.30 -17.38 -20.15
CA PRO A 412 15.18 -17.54 -21.30
C PRO A 412 16.64 -17.75 -20.86
N SER A 413 17.11 -16.98 -19.87
CA SER A 413 18.50 -17.01 -19.34
C SER A 413 18.75 -18.28 -18.52
N LYS A 414 18.92 -19.43 -19.18
CA LYS A 414 19.12 -20.73 -18.48
C LYS A 414 20.56 -20.81 -17.95
N HIS A 415 21.46 -19.97 -18.49
CA HIS A 415 22.91 -19.94 -18.16
C HIS A 415 23.12 -19.63 -16.67
N LEU A 416 22.16 -18.97 -16.03
CA LEU A 416 22.28 -18.54 -14.62
C LEU A 416 22.22 -19.75 -13.68
N PHE A 417 21.63 -20.87 -14.13
CA PHE A 417 21.41 -22.05 -13.26
C PHE A 417 22.73 -22.78 -12.97
N ASN A 418 23.77 -22.47 -13.73
CA ASN A 418 25.11 -23.08 -13.57
C ASN A 418 25.74 -22.56 -12.27
N ASN A 419 25.45 -21.31 -11.90
CA ASN A 419 26.01 -20.65 -10.71
C ASN A 419 25.62 -21.39 -9.44
N ALA A 420 26.58 -21.53 -8.52
CA ALA A 420 26.36 -22.06 -7.16
C ALA A 420 25.33 -21.18 -6.45
N SER A 421 25.45 -19.85 -6.57
CA SER A 421 24.64 -18.85 -5.82
C SER A 421 23.79 -18.01 -6.78
N ARG A 422 22.48 -18.25 -6.80
CA ARG A 422 21.55 -17.72 -7.83
C ARG A 422 20.61 -16.68 -7.24
N ALA A 423 21.17 -15.64 -6.60
CA ALA A 423 20.40 -14.50 -6.08
C ALA A 423 20.47 -13.37 -7.12
N PHE A 424 19.72 -13.52 -8.22
CA PHE A 424 19.75 -12.59 -9.39
C PHE A 424 18.41 -11.90 -9.64
N SER A 425 17.28 -12.55 -9.33
CA SER A 425 15.93 -12.14 -9.79
C SER A 425 15.48 -10.85 -9.07
N SER A 426 14.28 -10.37 -9.44
CA SER A 426 13.62 -9.18 -8.87
C SER A 426 12.79 -9.59 -7.64
N GLY A 427 12.83 -10.87 -7.27
CA GLY A 427 12.00 -11.45 -6.19
C GLY A 427 11.30 -12.71 -6.64
N CYS A 428 10.83 -12.75 -7.89
CA CYS A 428 10.20 -13.96 -8.48
C CYS A 428 11.23 -15.10 -8.54
N ILE A 429 10.78 -16.29 -8.92
CA ILE A 429 11.55 -17.56 -8.75
C ILE A 429 11.59 -18.27 -10.11
N ARG A 430 12.78 -18.38 -10.68
CA ARG A 430 12.98 -18.95 -12.02
C ARG A 430 13.23 -20.45 -11.85
N VAL A 431 12.59 -21.28 -12.66
CA VAL A 431 12.62 -22.76 -12.54
C VAL A 431 13.42 -23.32 -13.72
N GLU A 432 14.40 -24.17 -13.41
CA GLU A 432 15.33 -24.72 -14.44
C GLU A 432 14.49 -25.54 -15.41
N ASN A 433 13.88 -26.62 -14.91
CA ASN A 433 13.20 -27.63 -15.77
C ASN A 433 11.69 -27.29 -15.81
N ALA A 434 11.39 -26.01 -16.02
CA ALA A 434 10.01 -25.48 -16.09
C ALA A 434 9.11 -26.41 -16.89
N GLU A 435 9.51 -26.82 -18.10
CA GLU A 435 8.68 -27.69 -18.99
C GLU A 435 8.30 -28.96 -18.21
N LYS A 436 9.27 -29.69 -17.67
CA LYS A 436 9.02 -30.95 -16.91
C LYS A 436 8.08 -30.64 -15.73
N PHE A 437 8.32 -29.53 -15.03
CA PHE A 437 7.49 -29.10 -13.86
C PHE A 437 6.03 -29.00 -14.28
N ALA A 438 5.75 -28.26 -15.35
CA ALA A 438 4.40 -28.06 -15.92
C ALA A 438 3.82 -29.42 -16.34
N GLN A 439 4.59 -30.27 -17.02
CA GLN A 439 4.13 -31.62 -17.42
C GLN A 439 3.67 -32.35 -16.14
N THR A 440 4.54 -32.38 -15.13
CA THR A 440 4.34 -33.12 -13.84
C THR A 440 3.05 -32.66 -13.17
N LEU A 441 2.78 -31.34 -13.18
CA LEU A 441 1.58 -30.73 -12.54
C LEU A 441 0.31 -31.26 -13.21
N LEU A 442 0.27 -31.23 -14.55
CA LEU A 442 -0.90 -31.62 -15.38
C LEU A 442 -1.13 -33.14 -15.27
N ALA A 443 -0.07 -33.95 -15.30
CA ALA A 443 -0.13 -35.42 -15.06
C ALA A 443 -0.76 -35.69 -13.69
N ASN A 444 -0.35 -34.97 -12.65
CA ASN A 444 -0.71 -35.25 -11.24
C ASN A 444 -2.08 -34.64 -10.88
N GLN A 445 -2.73 -33.99 -11.84
CA GLN A 445 -4.14 -33.54 -11.70
C GLN A 445 -4.95 -34.05 -12.89
N GLY A 446 -4.41 -35.03 -13.62
CA GLY A 446 -5.08 -35.69 -14.77
C GLY A 446 -5.62 -34.71 -15.80
N ILE A 447 -5.00 -33.53 -15.91
CA ILE A 447 -5.29 -32.53 -16.98
C ILE A 447 -4.44 -32.90 -18.19
N THR A 448 -5.07 -33.10 -19.34
CA THR A 448 -4.39 -33.54 -20.58
C THR A 448 -4.47 -32.39 -21.58
N LEU A 449 -3.37 -32.15 -22.31
CA LEU A 449 -3.35 -31.16 -23.41
C LEU A 449 -3.27 -31.91 -24.73
N ASP A 450 -4.37 -31.93 -25.49
CA ASP A 450 -4.45 -32.64 -26.79
C ASP A 450 -3.31 -32.12 -27.66
N ASP A 451 -3.17 -30.81 -27.73
CA ASP A 451 -2.10 -30.13 -28.53
C ASP A 451 -1.46 -29.06 -27.65
N PHE A 452 -0.18 -28.77 -27.90
CA PHE A 452 0.59 -27.74 -27.16
C PHE A 452 0.11 -26.36 -27.60
N PRO A 453 -0.25 -25.45 -26.66
CA PRO A 453 -0.77 -24.13 -27.01
C PRO A 453 0.22 -23.38 -27.89
N VAL A 454 -0.29 -22.66 -28.89
CA VAL A 454 0.52 -21.78 -29.77
C VAL A 454 0.41 -20.35 -29.24
N SER A 455 -0.45 -20.13 -28.26
CA SER A 455 -0.80 -18.80 -27.72
C SER A 455 -0.86 -18.82 -26.20
N THR A 456 -0.90 -17.63 -25.58
CA THR A 456 -1.07 -17.46 -24.11
C THR A 456 -2.33 -18.23 -23.70
N GLN A 457 -2.15 -19.23 -22.83
CA GLN A 457 -3.22 -20.17 -22.41
C GLN A 457 -3.12 -20.39 -20.90
N ALA A 458 -4.11 -19.86 -20.17
CA ALA A 458 -4.36 -20.17 -18.74
C ALA A 458 -4.89 -21.61 -18.62
N ILE A 459 -4.39 -22.35 -17.63
CA ILE A 459 -4.87 -23.72 -17.26
C ILE A 459 -5.17 -23.72 -15.76
N ALA A 460 -6.44 -23.59 -15.37
CA ALA A 460 -6.87 -23.76 -13.97
C ALA A 460 -6.45 -25.18 -13.53
N LEU A 461 -5.87 -25.28 -12.34
CA LEU A 461 -5.59 -26.58 -11.69
C LEU A 461 -6.87 -27.03 -11.01
N LYS A 462 -7.12 -28.34 -11.03
CA LYS A 462 -8.30 -28.98 -10.37
C LYS A 462 -8.22 -28.72 -8.87
N LYS A 463 -6.99 -28.70 -8.33
CA LYS A 463 -6.68 -28.70 -6.88
C LYS A 463 -5.58 -27.67 -6.63
N ARG A 464 -5.88 -26.57 -5.94
CA ARG A 464 -4.86 -25.59 -5.47
C ARG A 464 -3.79 -26.36 -4.71
N ILE A 465 -2.51 -26.11 -5.00
CA ILE A 465 -1.35 -26.75 -4.32
C ILE A 465 -0.72 -25.71 -3.40
N PRO A 466 -0.45 -26.03 -2.12
CA PRO A 466 0.24 -25.11 -1.23
C PRO A 466 1.66 -24.94 -1.77
N VAL A 467 2.17 -23.70 -1.77
CA VAL A 467 3.56 -23.34 -2.12
C VAL A 467 4.20 -22.75 -0.87
N HIS A 468 5.21 -23.44 -0.34
CA HIS A 468 5.98 -23.01 0.87
C HIS A 468 7.35 -22.50 0.40
N ILE A 469 7.54 -21.19 0.47
CA ILE A 469 8.82 -20.52 0.13
C ILE A 469 9.55 -20.29 1.45
N ILE A 470 10.58 -21.09 1.71
CA ILE A 470 11.26 -21.21 3.02
C ILE A 470 12.68 -20.63 2.91
N TYR A 471 13.26 -20.29 4.06
CA TYR A 471 14.67 -19.85 4.20
C TYR A 471 15.36 -20.76 5.22
N GLN A 472 15.86 -21.90 4.76
CA GLN A 472 16.66 -22.82 5.61
C GLN A 472 18.08 -22.92 5.05
N THR A 473 19.06 -22.45 5.82
CA THR A 473 20.49 -22.40 5.44
C THR A 473 21.20 -23.66 5.93
N VAL A 474 20.54 -24.50 6.75
CA VAL A 474 21.05 -25.85 7.14
C VAL A 474 19.91 -26.85 7.06
N TRP A 475 20.15 -28.04 6.50
CA TRP A 475 19.15 -29.13 6.40
C TRP A 475 19.83 -30.46 6.09
N TYR A 476 19.15 -31.57 6.38
CA TYR A 476 19.61 -32.95 6.10
C TYR A 476 18.95 -33.39 4.81
N GLU A 477 19.72 -33.96 3.89
CA GLU A 477 19.19 -34.54 2.63
C GLU A 477 20.11 -35.68 2.19
N GLU A 478 19.51 -36.79 1.77
CA GLU A 478 20.18 -38.02 1.25
C GLU A 478 21.45 -38.30 2.05
N GLY A 479 21.32 -38.39 3.38
CA GLY A 479 22.38 -38.92 4.27
C GLY A 479 23.13 -37.82 5.01
N VAL A 480 23.19 -36.62 4.45
CA VAL A 480 24.22 -35.60 4.83
C VAL A 480 23.53 -34.28 5.19
N LEU A 481 24.10 -33.55 6.14
CA LEU A 481 23.80 -32.12 6.41
C LEU A 481 24.29 -31.25 5.24
N HIS A 482 23.55 -30.18 4.97
CA HIS A 482 23.87 -29.15 3.96
C HIS A 482 23.86 -27.79 4.65
N TYR A 483 24.89 -26.97 4.39
CA TYR A 483 25.01 -25.57 4.87
C TYR A 483 24.94 -24.67 3.63
N ARG A 484 24.65 -23.38 3.83
CA ARG A 484 24.45 -22.40 2.73
C ARG A 484 24.64 -20.98 3.25
N ASP A 485 25.31 -20.14 2.46
CA ASP A 485 25.59 -18.71 2.83
C ASP A 485 24.25 -18.05 3.11
N ASP A 486 24.20 -17.29 4.19
CA ASP A 486 22.97 -16.63 4.70
C ASP A 486 22.71 -15.42 3.79
N ILE A 487 22.31 -15.71 2.55
CA ILE A 487 22.25 -14.75 1.40
C ILE A 487 21.52 -13.47 1.82
N TYR A 488 20.43 -13.55 2.60
CA TYR A 488 19.59 -12.38 3.01
C TYR A 488 19.82 -11.96 4.47
N HIS A 489 20.92 -12.39 5.09
CA HIS A 489 21.38 -11.95 6.44
C HIS A 489 20.35 -12.27 7.53
N TYR A 490 19.50 -13.29 7.35
CA TYR A 490 18.50 -13.69 8.38
C TYR A 490 19.20 -14.47 9.50
N ASP A 491 20.27 -15.21 9.18
CA ASP A 491 21.06 -16.00 10.15
C ASP A 491 22.03 -15.11 10.92
N ALA A 492 22.25 -13.85 10.51
CA ALA A 492 23.21 -12.97 11.22
C ALA A 492 22.69 -12.80 12.64
N LEU A 493 23.51 -12.26 13.55
CA LEU A 493 23.15 -12.08 14.99
C LEU A 493 23.22 -13.44 15.68
N ALA A 494 22.51 -14.45 15.15
CA ALA A 494 22.65 -15.86 15.54
C ALA A 494 24.07 -16.34 15.23
N LEU A 495 24.74 -15.75 14.24
CA LEU A 495 26.19 -15.94 13.99
C LEU A 495 26.97 -14.87 14.77
N GLY A 496 26.39 -13.70 14.94
CA GLY A 496 26.96 -12.58 15.71
C GLY A 496 28.02 -11.84 14.90
N ARG B 7 18.43 36.65 -13.48
CA ARG B 7 19.74 36.11 -13.99
C ARG B 7 20.79 36.11 -12.87
N PHE B 8 20.51 36.77 -11.74
CA PHE B 8 21.44 36.92 -10.58
C PHE B 8 21.81 35.52 -10.06
N VAL B 9 23.05 35.38 -9.61
CA VAL B 9 23.54 34.11 -8.99
C VAL B 9 24.36 34.44 -7.75
N GLU B 10 23.80 35.21 -6.81
CA GLU B 10 24.62 35.89 -5.76
C GLU B 10 25.35 34.85 -4.89
N LEU B 11 24.76 33.69 -4.62
CA LEU B 11 25.41 32.61 -3.84
C LEU B 11 26.67 32.14 -4.59
N GLY B 12 27.80 32.08 -3.90
CA GLY B 12 29.08 31.69 -4.50
C GLY B 12 29.03 30.26 -4.97
N TRP B 13 28.50 29.36 -4.14
CA TRP B 13 28.57 27.89 -4.39
C TRP B 13 27.89 27.54 -5.73
N ILE B 14 26.75 28.17 -6.08
CA ILE B 14 26.10 27.95 -7.40
C ILE B 14 26.71 28.92 -8.42
N ASP B 15 27.01 28.42 -9.63
CA ASP B 15 27.70 29.21 -10.69
CA ASP B 15 27.70 29.20 -10.70
C ASP B 15 26.67 29.74 -11.69
N SER B 16 27.06 30.75 -12.48
CA SER B 16 26.25 31.36 -13.57
C SER B 16 25.96 30.32 -14.65
N THR B 17 26.85 29.34 -14.81
CA THR B 17 26.69 28.16 -15.71
C THR B 17 25.46 27.34 -15.29
N SER B 18 25.23 27.16 -13.98
CA SER B 18 24.23 26.21 -13.44
C SER B 18 22.84 26.58 -13.97
N PRO B 19 22.03 25.59 -14.39
CA PRO B 19 20.70 25.85 -14.96
C PRO B 19 19.67 26.38 -13.95
N VAL B 20 19.97 26.29 -12.65
CA VAL B 20 19.05 26.70 -11.54
C VAL B 20 18.67 28.16 -11.72
N ASN B 21 19.48 28.96 -12.42
CA ASN B 21 19.26 30.42 -12.60
C ASN B 21 18.01 30.72 -13.43
N GLU B 22 17.59 29.78 -14.29
CA GLU B 22 16.31 29.88 -15.05
C GLU B 22 15.18 29.20 -14.25
N GLN B 23 15.50 28.15 -13.50
CA GLN B 23 14.56 27.36 -12.66
C GLN B 23 14.11 28.16 -11.43
N ILE B 24 14.79 29.24 -11.07
CA ILE B 24 14.44 30.07 -9.88
C ILE B 24 13.42 31.14 -10.28
N THR B 25 12.39 31.30 -9.46
CA THR B 25 11.28 32.25 -9.69
C THR B 25 11.70 33.61 -9.15
N ASN B 26 12.12 33.67 -7.89
CA ASN B 26 12.40 34.94 -7.15
C ASN B 26 13.81 34.88 -6.57
N PRO B 27 14.87 35.16 -7.38
CA PRO B 27 16.25 35.08 -6.89
C PRO B 27 16.52 36.08 -5.77
N ALA B 28 15.84 37.24 -5.80
CA ALA B 28 15.95 38.33 -4.80
C ALA B 28 15.78 37.74 -3.40
N LEU B 29 14.60 37.20 -3.10
CA LEU B 29 14.22 36.68 -1.75
C LEU B 29 15.11 35.48 -1.39
N VAL B 30 15.55 34.71 -2.39
CA VAL B 30 16.38 33.49 -2.18
C VAL B 30 17.69 33.92 -1.54
N GLU B 31 18.40 34.85 -2.19
CA GLU B 31 19.74 35.29 -1.76
C GLU B 31 19.57 35.96 -0.40
N GLN B 32 18.46 36.66 -0.19
CA GLN B 32 18.11 37.34 1.09
C GLN B 32 18.05 36.30 2.23
N ILE B 33 17.44 35.13 2.00
CA ILE B 33 17.28 34.06 3.02
C ILE B 33 18.64 33.41 3.29
N TYR B 34 19.53 33.43 2.29
CA TYR B 34 20.87 32.82 2.35
C TYR B 34 21.84 33.77 3.08
N HIS B 35 21.94 35.00 2.57
CA HIS B 35 22.68 36.13 3.18
C HIS B 35 22.36 36.21 4.67
N SER B 36 21.09 36.04 5.06
CA SER B 36 20.58 36.12 6.46
C SER B 36 21.04 34.92 7.30
N ASN B 37 21.34 33.78 6.67
CA ASN B 37 21.77 32.56 7.38
C ASN B 37 23.20 32.22 6.96
N ASN B 38 23.95 33.23 6.50
CA ASN B 38 25.42 33.25 6.33
C ASN B 38 25.80 32.46 5.06
N ASP B 39 24.95 32.50 4.03
CA ASP B 39 25.15 31.78 2.76
C ASP B 39 25.59 30.34 3.07
N GLN B 40 24.77 29.61 3.83
CA GLN B 40 24.97 28.19 4.22
C GLN B 40 23.83 27.33 3.68
N LEU B 41 24.03 26.02 3.58
CA LEU B 41 23.00 25.03 3.19
C LEU B 41 21.93 24.98 4.29
N LEU B 42 20.66 25.01 3.89
CA LEU B 42 19.47 24.94 4.80
C LEU B 42 18.93 23.52 4.80
N TRP B 43 19.00 22.83 3.65
CA TRP B 43 18.38 21.51 3.40
C TRP B 43 19.34 20.36 3.69
N SER B 44 20.45 20.60 4.40
CA SER B 44 21.47 19.57 4.73
C SER B 44 20.82 18.43 5.52
N ASP B 45 19.77 18.70 6.30
CA ASP B 45 18.95 17.64 6.95
C ASP B 45 18.18 16.91 5.85
N LEU B 46 18.51 15.63 5.59
CA LEU B 46 17.89 14.80 4.52
C LEU B 46 16.42 14.53 4.87
N ALA B 47 16.15 14.04 6.08
CA ALA B 47 14.78 13.67 6.56
C ALA B 47 13.86 14.90 6.58
N THR B 48 14.40 16.09 6.28
CA THR B 48 13.63 17.36 6.09
C THR B 48 13.46 17.61 4.58
N ALA B 49 14.49 17.33 3.77
CA ALA B 49 14.42 17.40 2.29
C ALA B 49 13.38 16.40 1.79
N ASN B 50 13.35 15.23 2.42
CA ASN B 50 12.32 14.18 2.14
C ASN B 50 10.93 14.77 2.39
N HIS B 51 10.68 15.23 3.61
CA HIS B 51 9.37 15.76 4.07
C HIS B 51 8.85 16.84 3.11
N PHE B 52 9.74 17.59 2.45
CA PHE B 52 9.35 18.67 1.50
C PHE B 52 8.98 18.03 0.17
N GLU B 53 9.82 17.14 -0.35
CA GLU B 53 9.52 16.34 -1.57
C GLU B 53 8.20 15.59 -1.37
N ALA B 54 8.08 14.87 -0.26
CA ALA B 54 6.85 14.15 0.12
C ALA B 54 5.62 15.01 -0.18
N GLN B 55 5.62 16.26 0.28
CA GLN B 55 4.45 17.18 0.21
C GLN B 55 4.31 17.75 -1.19
N LEU B 56 5.40 17.90 -1.92
CA LEU B 56 5.36 18.34 -3.33
C LEU B 56 4.79 17.22 -4.18
N GLU B 57 5.16 15.96 -3.87
CA GLU B 57 4.60 14.74 -4.51
C GLU B 57 3.08 14.94 -4.56
N VAL B 58 2.48 15.25 -3.41
CA VAL B 58 1.00 15.45 -3.24
C VAL B 58 0.51 16.49 -4.25
N ILE B 59 1.13 17.66 -4.28
CA ILE B 59 0.79 18.75 -5.23
C ILE B 59 0.98 18.24 -6.66
N HIS B 60 2.07 17.51 -6.92
CA HIS B 60 2.33 16.87 -8.24
C HIS B 60 1.15 15.97 -8.60
N ARG B 61 0.78 15.08 -7.67
CA ARG B 61 -0.17 13.98 -7.94
C ARG B 61 -1.54 14.56 -8.24
N ALA B 62 -1.86 15.72 -7.65
CA ALA B 62 -3.13 16.45 -7.85
C ALA B 62 -3.17 17.08 -9.24
N SER B 63 -2.01 17.22 -9.89
CA SER B 63 -1.86 17.53 -11.33
C SER B 63 -2.62 18.82 -11.69
N PHE B 64 -2.66 19.76 -10.76
CA PHE B 64 -3.27 21.11 -10.94
C PHE B 64 -2.16 22.15 -11.07
N SER B 65 -0.92 21.79 -10.69
CA SER B 65 0.26 22.68 -10.80
C SER B 65 1.32 22.06 -11.71
N PRO B 66 1.54 22.63 -12.90
CA PRO B 66 2.74 22.35 -13.69
C PRO B 66 4.00 22.82 -12.95
N LEU B 67 3.93 24.02 -12.38
CA LEU B 67 5.05 24.71 -11.67
C LEU B 67 5.70 23.75 -10.67
N PHE B 68 4.95 23.37 -9.63
CA PHE B 68 5.44 22.50 -8.53
C PHE B 68 5.91 21.15 -9.09
N SER B 69 5.21 20.63 -10.10
CA SER B 69 5.56 19.35 -10.76
C SER B 69 6.99 19.49 -11.29
N ARG B 70 7.24 20.53 -12.11
CA ARG B 70 8.56 20.81 -12.76
C ARG B 70 9.68 20.75 -11.74
N GLN B 71 9.55 21.61 -10.73
CA GLN B 71 10.61 21.92 -9.75
C GLN B 71 10.87 20.66 -8.92
N LEU B 72 9.80 19.93 -8.58
CA LEU B 72 9.89 18.63 -7.84
C LEU B 72 10.79 17.67 -8.63
N PHE B 73 10.62 17.57 -9.94
CA PHE B 73 11.37 16.58 -10.76
C PHE B 73 12.75 17.16 -11.07
N ALA B 74 12.90 18.49 -11.08
CA ALA B 74 14.21 19.19 -11.14
C ALA B 74 15.02 18.87 -9.87
N LEU B 75 14.40 18.96 -8.70
CA LEU B 75 15.03 18.60 -7.40
C LEU B 75 15.39 17.12 -7.43
N LYS B 76 14.39 16.25 -7.67
CA LYS B 76 14.57 14.77 -7.65
C LYS B 76 15.71 14.39 -8.60
N SER B 77 15.89 15.18 -9.68
CA SER B 77 17.03 15.07 -10.64
C SER B 77 18.37 15.36 -9.92
N TYR B 78 18.50 16.54 -9.32
CA TYR B 78 19.72 17.00 -8.60
C TYR B 78 20.00 16.14 -7.38
N ARG B 79 19.00 15.45 -6.82
CA ARG B 79 19.17 14.58 -5.63
C ARG B 79 19.78 13.25 -6.05
N GLN B 80 19.44 12.79 -7.26
CA GLN B 80 19.90 11.51 -7.84
C GLN B 80 21.27 11.70 -8.49
N GLN B 81 21.62 12.96 -8.83
CA GLN B 81 22.94 13.36 -9.36
C GLN B 81 23.90 13.70 -8.20
N ASP B 82 23.37 13.83 -6.98
CA ASP B 82 24.15 14.09 -5.74
C ASP B 82 24.70 15.54 -5.76
N ARG B 83 24.06 16.45 -6.53
CA ARG B 83 24.46 17.87 -6.69
C ARG B 83 23.73 18.74 -5.65
N TRP B 84 23.75 18.34 -4.38
CA TRP B 84 22.95 18.88 -3.24
C TRP B 84 23.10 20.40 -3.07
N HIS B 85 24.16 21.00 -3.60
CA HIS B 85 24.39 22.47 -3.55
C HIS B 85 23.23 23.15 -4.29
N GLU B 86 22.89 22.65 -5.48
CA GLU B 86 21.87 23.25 -6.39
C GLU B 86 20.45 22.91 -5.91
N TYR B 87 20.28 21.69 -5.37
CA TYR B 87 19.04 21.19 -4.74
C TYR B 87 18.64 22.09 -3.56
N ASP B 88 19.64 22.61 -2.86
CA ASP B 88 19.45 23.48 -1.66
C ASP B 88 18.84 24.80 -2.12
N VAL B 89 19.34 25.38 -3.20
CA VAL B 89 18.93 26.71 -3.71
C VAL B 89 17.49 26.61 -4.21
N LEU B 90 17.25 25.72 -5.17
CA LEU B 90 15.92 25.54 -5.81
C LEU B 90 14.86 25.28 -4.71
N ALA B 91 15.15 24.34 -3.82
CA ALA B 91 14.28 23.91 -2.69
C ALA B 91 13.76 25.12 -1.93
N THR B 92 14.61 26.12 -1.69
CA THR B 92 14.27 27.39 -1.01
C THR B 92 13.29 28.18 -1.89
N ASP B 93 13.64 28.44 -3.15
CA ASP B 93 12.73 29.16 -4.08
C ASP B 93 11.37 28.48 -4.03
N THR B 94 11.36 27.18 -4.22
CA THR B 94 10.16 26.30 -4.23
C THR B 94 9.40 26.47 -2.90
N LEU B 95 10.10 26.48 -1.76
CA LEU B 95 9.46 26.57 -0.42
C LEU B 95 8.76 27.91 -0.25
N LEU B 96 9.32 28.98 -0.82
CA LEU B 96 8.66 30.31 -0.89
C LEU B 96 7.41 30.20 -1.76
N GLN B 97 7.53 29.57 -2.95
CA GLN B 97 6.38 29.24 -3.81
C GLN B 97 5.34 28.51 -2.94
N TYR B 98 5.76 27.47 -2.23
CA TYR B 98 4.87 26.64 -1.38
C TYR B 98 4.09 27.54 -0.42
N LEU B 99 4.79 28.50 0.19
CA LEU B 99 4.22 29.36 1.27
C LEU B 99 3.25 30.37 0.67
N SER B 100 3.60 31.01 -0.45
CA SER B 100 2.65 31.82 -1.24
C SER B 100 1.40 30.98 -1.49
N TYR B 101 1.63 29.79 -2.08
CA TYR B 101 0.58 28.80 -2.42
C TYR B 101 -0.34 28.59 -1.23
N ALA B 102 0.23 28.20 -0.07
CA ALA B 102 -0.55 27.91 1.16
C ALA B 102 -1.40 29.12 1.53
N GLU B 103 -0.80 30.31 1.44
CA GLU B 103 -1.36 31.61 1.92
C GLU B 103 -2.44 32.11 0.97
N GLN B 104 -2.17 32.09 -0.33
CA GLN B 104 -3.01 32.69 -1.39
C GLN B 104 -4.12 31.72 -1.85
N ALA B 105 -4.03 30.43 -1.50
CA ALA B 105 -5.01 29.42 -1.90
C ALA B 105 -6.41 29.87 -1.50
N PRO B 106 -6.72 30.15 -0.21
CA PRO B 106 -8.08 30.52 0.18
C PRO B 106 -8.62 31.83 -0.45
N LYS B 107 -7.76 32.62 -1.10
CA LYS B 107 -8.12 33.90 -1.76
C LYS B 107 -8.37 33.70 -3.26
N VAL B 108 -7.35 33.29 -4.02
CA VAL B 108 -7.42 33.20 -5.51
C VAL B 108 -7.24 31.76 -5.98
N GLY B 109 -7.29 30.78 -5.08
CA GLY B 109 -6.89 29.39 -5.36
C GLY B 109 -7.83 28.69 -6.33
N ILE B 110 -9.13 29.02 -6.27
CA ILE B 110 -10.17 28.40 -7.14
C ILE B 110 -9.66 28.43 -8.59
N ALA B 111 -9.00 29.51 -9.00
CA ALA B 111 -8.48 29.66 -10.39
C ALA B 111 -7.49 28.55 -10.74
N TRP B 112 -6.69 28.06 -9.78
CA TRP B 112 -5.66 27.03 -10.08
C TRP B 112 -6.29 25.64 -10.22
N PHE B 113 -7.31 25.34 -9.38
CA PHE B 113 -7.91 23.99 -9.26
C PHE B 113 -9.07 23.77 -10.23
N PHE B 114 -9.78 24.81 -10.68
CA PHE B 114 -11.03 24.67 -11.48
C PHE B 114 -11.02 25.53 -12.75
N GLU B 115 -10.86 26.84 -12.62
CA GLU B 115 -10.92 27.78 -13.79
C GLU B 115 -9.69 27.60 -14.69
N GLY B 116 -8.49 27.48 -14.12
CA GLY B 116 -7.22 27.33 -14.85
C GLY B 116 -6.28 26.35 -14.17
N GLN B 117 -5.01 26.73 -14.02
CA GLN B 117 -3.98 25.90 -13.36
C GLN B 117 -2.88 26.81 -12.81
N LEU B 118 -2.09 26.31 -11.85
CA LEU B 118 -0.94 27.02 -11.22
C LEU B 118 0.30 26.75 -12.07
N ASP B 119 0.37 27.37 -13.24
CA ASP B 119 1.41 27.13 -14.29
C ASP B 119 2.62 28.03 -14.04
N GLN B 120 2.39 29.27 -13.60
CA GLN B 120 3.44 30.31 -13.53
C GLN B 120 3.62 30.75 -12.08
N PRO B 121 4.85 31.14 -11.69
CA PRO B 121 5.20 31.45 -10.31
C PRO B 121 4.30 32.46 -9.59
N LEU B 122 4.21 32.33 -8.27
CA LEU B 122 3.37 33.20 -7.40
C LEU B 122 4.17 34.41 -6.92
N ALA B 123 3.46 35.50 -6.61
CA ALA B 123 3.94 36.63 -5.78
C ALA B 123 4.69 36.05 -4.58
N PRO B 124 5.74 36.73 -4.06
CA PRO B 124 6.43 36.27 -2.86
C PRO B 124 5.53 36.26 -1.63
N PRO B 125 5.77 35.36 -0.66
CA PRO B 125 4.85 35.20 0.48
C PRO B 125 4.85 36.45 1.37
N SER B 126 3.79 36.63 2.16
CA SER B 126 3.62 37.78 3.08
C SER B 126 4.77 37.81 4.10
N GLU B 127 5.05 39.00 4.64
CA GLU B 127 6.11 39.23 5.64
C GLU B 127 5.94 38.19 6.76
N GLU B 128 4.73 38.06 7.32
CA GLU B 128 4.42 37.09 8.41
C GLU B 128 5.08 35.74 8.08
N ALA B 129 5.03 35.31 6.81
CA ALA B 129 5.54 33.97 6.38
C ALA B 129 7.07 33.98 6.33
N GLN B 130 7.63 35.01 5.70
CA GLN B 130 9.10 35.15 5.53
C GLN B 130 9.80 35.11 6.90
N LEU B 131 9.25 35.81 7.88
CA LEU B 131 9.75 35.78 9.29
C LEU B 131 9.67 34.34 9.80
N ALA B 132 8.49 33.74 9.69
CA ALA B 132 8.20 32.35 10.12
C ALA B 132 9.23 31.40 9.49
N LEU B 133 9.67 31.70 8.27
CA LEU B 133 10.76 30.95 7.56
C LEU B 133 12.09 31.20 8.26
N HIS B 134 12.57 32.46 8.26
CA HIS B 134 13.85 32.92 8.89
C HIS B 134 13.95 32.34 10.31
N MET B 135 12.84 32.43 11.05
CA MET B 135 12.72 31.95 12.45
C MET B 135 12.83 30.42 12.48
N ALA B 136 12.18 29.72 11.54
CA ALA B 136 12.16 28.24 11.45
C ALA B 136 13.52 27.69 11.00
N ILE B 137 14.27 28.44 10.17
CA ILE B 137 15.64 28.06 9.74
C ILE B 137 16.56 28.10 10.97
N GLY B 138 16.38 29.15 11.79
CA GLY B 138 17.03 29.33 13.09
C GLY B 138 16.98 28.06 13.94
N ASN B 139 15.78 27.59 14.25
CA ASN B 139 15.54 26.41 15.12
C ASN B 139 15.61 25.11 14.30
N GLN B 140 15.97 25.21 13.01
CA GLN B 140 16.03 24.05 12.08
C GLN B 140 14.74 23.24 12.22
N SER B 141 13.60 23.92 12.11
CA SER B 141 12.24 23.34 12.21
C SER B 141 11.50 23.57 10.89
N LEU B 142 12.22 23.49 9.76
CA LEU B 142 11.67 23.70 8.40
C LEU B 142 10.50 22.73 8.17
N ALA B 143 10.70 21.46 8.53
CA ALA B 143 9.64 20.42 8.55
C ALA B 143 8.38 21.02 9.18
N ARG B 144 8.46 21.39 10.47
CA ARG B 144 7.32 21.88 11.28
C ARG B 144 6.65 23.08 10.60
N LEU B 145 7.43 23.94 9.93
CA LEU B 145 6.89 25.12 9.22
C LEU B 145 5.91 24.64 8.14
N MET B 146 6.40 23.76 7.25
CA MET B 146 5.61 23.16 6.14
C MET B 146 4.27 22.64 6.69
N ASP B 147 4.30 21.96 7.84
CA ASP B 147 3.12 21.34 8.51
C ASP B 147 2.22 22.42 9.11
N GLU B 148 2.79 23.55 9.54
CA GLU B 148 2.01 24.70 10.09
C GLU B 148 1.29 25.42 8.96
N TYR B 149 1.82 25.34 7.73
CA TYR B 149 1.24 25.98 6.52
C TYR B 149 0.47 24.95 5.67
N THR B 150 0.02 23.87 6.33
CA THR B 150 -1.13 23.04 5.88
C THR B 150 -2.35 23.46 6.70
N PRO B 151 -3.59 23.22 6.23
CA PRO B 151 -4.76 23.58 7.02
C PRO B 151 -4.81 22.72 8.29
N GLN B 152 -4.93 23.37 9.46
CA GLN B 152 -4.92 22.70 10.79
C GLN B 152 -6.33 22.19 11.04
N ASP B 153 -6.79 21.27 10.19
CA ASP B 153 -8.20 20.81 10.06
C ASP B 153 -8.16 19.29 9.90
N PRO B 154 -8.72 18.50 10.84
CA PRO B 154 -8.69 17.04 10.74
C PRO B 154 -9.25 16.50 9.41
N ALA B 155 -10.18 17.21 8.78
CA ALA B 155 -10.64 16.95 7.40
C ALA B 155 -9.45 16.76 6.46
N TYR B 156 -8.43 17.63 6.53
CA TYR B 156 -7.26 17.60 5.62
C TYR B 156 -6.29 16.53 6.11
N GLN B 157 -5.99 16.52 7.41
CA GLN B 157 -4.93 15.64 7.95
C GLN B 157 -5.32 14.19 7.69
N GLN B 158 -6.60 13.83 7.85
CA GLN B 158 -7.04 12.41 7.73
C GLN B 158 -6.88 11.94 6.27
N LEU B 159 -7.23 12.77 5.28
CA LEU B 159 -7.02 12.41 3.85
C LEU B 159 -5.53 12.13 3.61
N LEU B 160 -4.64 12.97 4.14
CA LEU B 160 -3.18 12.79 4.00
C LEU B 160 -2.75 11.49 4.67
N GLN B 161 -3.25 11.20 5.86
CA GLN B 161 -2.91 9.95 6.57
C GLN B 161 -3.22 8.76 5.66
N ALA B 162 -4.46 8.71 5.15
CA ALA B 162 -4.92 7.67 4.20
C ALA B 162 -3.99 7.63 2.99
N TYR B 163 -3.62 8.80 2.46
CA TYR B 163 -2.70 8.94 1.31
C TYR B 163 -1.38 8.24 1.64
N GLN B 164 -0.84 8.49 2.82
CA GLN B 164 0.46 7.89 3.25
C GLN B 164 0.29 6.37 3.32
N SER B 165 -0.78 5.90 3.94
CA SER B 165 -1.08 4.44 4.07
C SER B 165 -1.12 3.81 2.68
N LEU B 166 -1.95 4.35 1.78
CA LEU B 166 -2.15 3.78 0.42
C LEU B 166 -0.86 3.89 -0.38
N SER B 167 -0.01 4.87 -0.10
CA SER B 167 1.24 5.11 -0.87
C SER B 167 2.16 3.90 -0.74
N SER B 168 2.20 3.29 0.45
CA SER B 168 3.03 2.10 0.76
C SER B 168 2.54 0.91 -0.07
N ILE B 169 1.22 0.70 -0.15
CA ILE B 169 0.60 -0.46 -0.88
C ILE B 169 0.29 -0.06 -2.33
N GLU B 170 0.67 1.14 -2.78
CA GLU B 170 0.56 1.54 -4.20
C GLU B 170 1.54 0.68 -4.99
N PHE B 171 1.14 0.20 -6.16
CA PHE B 171 1.98 -0.59 -7.09
C PHE B 171 2.06 -2.05 -6.63
N ASN B 172 1.53 -2.42 -5.44
CA ASN B 172 1.29 -3.84 -5.08
C ASN B 172 0.25 -4.38 -6.06
N GLU B 173 0.51 -5.55 -6.66
CA GLU B 173 -0.41 -6.10 -7.69
C GLU B 173 -1.70 -6.50 -6.99
N VAL B 174 -2.81 -5.89 -7.41
CA VAL B 174 -4.16 -6.18 -6.86
C VAL B 174 -4.98 -6.73 -8.02
N ALA B 175 -5.42 -7.98 -7.89
CA ALA B 175 -6.22 -8.67 -8.92
C ALA B 175 -7.42 -7.76 -9.24
N LEU B 176 -7.84 -7.72 -10.50
CA LEU B 176 -9.03 -6.93 -10.93
C LEU B 176 -10.30 -7.77 -10.82
N TYR B 177 -11.37 -7.22 -10.24
CA TYR B 177 -12.69 -7.92 -10.21
C TYR B 177 -13.28 -7.82 -11.62
N GLU B 178 -13.50 -8.97 -12.27
CA GLU B 178 -14.27 -9.12 -13.53
C GLU B 178 -15.47 -10.03 -13.25
N GLN B 179 -16.55 -9.86 -14.03
CA GLN B 179 -17.73 -10.76 -14.00
C GLN B 179 -18.27 -10.91 -15.43
N MET B 180 -18.69 -12.12 -15.81
CA MET B 180 -19.10 -12.45 -17.20
C MET B 180 -20.45 -11.79 -17.51
N GLU B 181 -21.39 -11.81 -16.55
CA GLU B 181 -22.72 -11.15 -16.66
C GLU B 181 -22.56 -9.65 -16.38
N ARG B 182 -23.55 -8.84 -16.77
CA ARG B 182 -23.53 -7.36 -16.57
C ARG B 182 -23.82 -7.01 -15.11
N LEU B 183 -24.81 -7.65 -14.48
CA LEU B 183 -25.25 -7.41 -13.08
C LEU B 183 -25.05 -8.68 -12.25
N LYS B 184 -24.52 -8.57 -11.02
CA LYS B 184 -24.47 -9.71 -10.06
C LYS B 184 -25.28 -9.36 -8.81
N ARG B 185 -26.39 -10.09 -8.60
CA ARG B 185 -27.30 -9.98 -7.44
C ARG B 185 -26.81 -10.94 -6.37
N PRO B 186 -27.14 -10.70 -5.09
CA PRO B 186 -26.85 -11.69 -4.03
C PRO B 186 -27.32 -13.08 -4.47
N GLY B 187 -26.43 -14.09 -4.40
CA GLY B 187 -26.74 -15.49 -4.71
C GLY B 187 -26.17 -15.95 -6.04
N ASP B 188 -25.96 -15.04 -7.00
CA ASP B 188 -25.35 -15.35 -8.32
C ASP B 188 -23.92 -15.81 -8.09
N PRO B 189 -23.38 -16.76 -8.89
CA PRO B 189 -21.99 -17.19 -8.75
C PRO B 189 -21.00 -16.12 -9.23
N LEU B 190 -19.75 -16.16 -8.76
CA LEU B 190 -18.71 -15.11 -8.98
C LEU B 190 -17.37 -15.75 -9.38
N SER B 191 -16.93 -15.55 -10.63
CA SER B 191 -15.65 -16.10 -11.18
C SER B 191 -14.42 -15.37 -10.60
N HIS B 192 -14.61 -14.45 -9.64
CA HIS B 192 -13.52 -13.59 -9.09
C HIS B 192 -13.85 -13.13 -7.68
N ARG B 193 -14.32 -14.02 -6.79
CA ARG B 193 -14.58 -13.66 -5.37
C ARG B 193 -13.29 -13.12 -4.73
N GLU B 194 -12.16 -13.81 -4.90
CA GLU B 194 -10.88 -13.48 -4.23
C GLU B 194 -10.56 -12.00 -4.50
N ALA B 195 -10.72 -11.58 -5.76
CA ALA B 195 -10.36 -10.23 -6.26
C ALA B 195 -11.30 -9.18 -5.66
N LEU B 196 -12.60 -9.42 -5.75
CA LEU B 196 -13.67 -8.56 -5.17
C LEU B 196 -13.37 -8.28 -3.70
N VAL B 197 -13.13 -9.33 -2.91
CA VAL B 197 -12.88 -9.25 -1.45
C VAL B 197 -11.66 -8.36 -1.20
N GLN B 198 -10.58 -8.52 -1.98
CA GLN B 198 -9.35 -7.70 -1.81
C GLN B 198 -9.70 -6.21 -1.97
N ARG B 199 -10.49 -5.88 -3.00
CA ARG B 199 -10.76 -4.49 -3.45
C ARG B 199 -11.75 -3.79 -2.53
N LEU B 200 -12.34 -4.52 -1.56
CA LEU B 200 -13.08 -3.94 -0.42
C LEU B 200 -12.11 -3.62 0.71
N ALA B 201 -11.21 -4.55 1.06
CA ALA B 201 -10.15 -4.37 2.08
C ALA B 201 -9.28 -3.16 1.72
N LEU B 202 -9.22 -2.85 0.43
CA LEU B 202 -8.30 -1.86 -0.18
C LEU B 202 -8.80 -0.43 0.05
N VAL B 203 -10.13 -0.24 0.13
CA VAL B 203 -10.74 1.06 0.56
C VAL B 203 -10.96 0.99 2.08
N ASN B 204 -10.27 0.05 2.76
CA ASN B 204 -10.10 0.01 4.23
C ASN B 204 -11.44 -0.32 4.91
N LEU B 205 -12.23 -1.22 4.31
CA LEU B 205 -13.55 -1.69 4.84
C LEU B 205 -13.30 -2.99 5.63
N ASP B 206 -14.20 -3.30 6.56
CA ASP B 206 -14.11 -4.50 7.44
C ASP B 206 -14.32 -5.76 6.59
N THR B 207 -13.21 -6.40 6.22
CA THR B 207 -13.15 -7.57 5.31
C THR B 207 -13.16 -8.86 6.12
N THR B 208 -13.09 -8.77 7.45
CA THR B 208 -12.83 -9.91 8.38
C THR B 208 -14.12 -10.72 8.64
N SER B 209 -15.30 -10.12 8.48
CA SER B 209 -16.62 -10.80 8.62
C SER B 209 -17.07 -11.47 7.30
N ILE B 210 -16.40 -11.21 6.18
CA ILE B 210 -16.67 -11.92 4.89
C ILE B 210 -16.13 -13.35 5.00
N LEU B 211 -16.95 -14.34 4.63
CA LEU B 211 -16.55 -15.77 4.59
C LEU B 211 -15.45 -15.94 3.55
N ASN B 212 -14.57 -16.94 3.76
CA ASN B 212 -13.24 -17.02 3.11
C ASN B 212 -13.31 -17.77 1.77
N ASP B 213 -13.54 -19.08 1.79
CA ASP B 213 -13.37 -19.97 0.59
C ASP B 213 -14.74 -20.37 0.06
N VAL B 214 -15.47 -19.42 -0.54
CA VAL B 214 -16.76 -19.62 -1.27
C VAL B 214 -16.51 -19.21 -2.73
N ALA B 215 -17.51 -19.33 -3.63
CA ALA B 215 -17.39 -18.91 -5.05
C ALA B 215 -18.70 -18.29 -5.58
N TYR B 216 -19.51 -17.71 -4.70
CA TYR B 216 -20.70 -16.88 -5.06
C TYR B 216 -20.86 -15.71 -4.08
N TYR B 217 -21.87 -14.88 -4.38
CA TYR B 217 -22.20 -13.62 -3.69
C TYR B 217 -23.12 -13.95 -2.50
N ASP B 218 -22.52 -14.26 -1.34
CA ASP B 218 -23.24 -14.71 -0.12
C ASP B 218 -23.56 -13.53 0.80
N ALA B 219 -24.31 -13.78 1.88
CA ALA B 219 -24.74 -12.79 2.89
C ALA B 219 -23.52 -12.04 3.43
N SER B 220 -22.41 -12.74 3.62
CA SER B 220 -21.18 -12.20 4.23
C SER B 220 -20.60 -11.06 3.37
N LEU B 221 -20.88 -11.07 2.06
CA LEU B 221 -20.43 -10.05 1.08
C LEU B 221 -21.42 -8.88 1.02
N GLU B 222 -22.64 -9.07 1.52
CA GLU B 222 -23.78 -8.17 1.18
C GLU B 222 -23.56 -6.81 1.86
N LYS B 223 -23.25 -6.77 3.16
CA LYS B 223 -23.00 -5.50 3.89
C LYS B 223 -21.79 -4.79 3.27
N PRO B 224 -20.60 -5.42 3.23
CA PRO B 224 -19.44 -4.83 2.57
C PRO B 224 -19.76 -4.13 1.25
N ILE B 225 -20.51 -4.79 0.36
CA ILE B 225 -20.86 -4.26 -1.00
C ILE B 225 -21.70 -2.99 -0.86
N LYS B 226 -22.63 -2.97 0.09
CA LYS B 226 -23.55 -1.82 0.31
C LYS B 226 -22.73 -0.68 0.93
N GLN B 227 -21.97 -0.97 2.00
CA GLN B 227 -21.05 0.00 2.64
C GLN B 227 -20.18 0.65 1.55
N PHE B 228 -19.76 -0.15 0.58
CA PHE B 228 -18.91 0.27 -0.57
C PHE B 228 -19.70 1.23 -1.46
N GLN B 229 -20.95 0.88 -1.79
CA GLN B 229 -21.82 1.71 -2.68
C GLN B 229 -22.20 3.01 -1.97
N LYS B 230 -22.46 2.94 -0.66
CA LYS B 230 -22.73 4.13 0.21
C LYS B 230 -21.51 5.05 0.14
N MET B 231 -20.33 4.47 0.41
CA MET B 231 -19.02 5.18 0.43
C MET B 231 -18.82 5.98 -0.88
N HIS B 232 -19.21 5.43 -2.03
CA HIS B 232 -19.01 6.06 -3.37
C HIS B 232 -20.27 6.83 -3.81
N GLY B 233 -21.24 7.02 -2.91
CA GLY B 233 -22.49 7.76 -3.17
C GLY B 233 -23.28 7.14 -4.32
N LEU B 234 -23.12 5.83 -4.52
CA LEU B 234 -23.90 5.04 -5.49
C LEU B 234 -25.21 4.62 -4.81
N GLN B 235 -26.13 4.07 -5.59
CA GLN B 235 -27.38 3.46 -5.06
C GLN B 235 -26.98 2.19 -4.28
N THR B 236 -27.53 2.05 -3.08
CA THR B 236 -27.11 1.08 -2.04
C THR B 236 -27.89 -0.23 -2.23
N ASP B 237 -27.95 -0.73 -3.48
CA ASP B 237 -28.90 -1.77 -3.95
C ASP B 237 -28.28 -3.17 -3.88
N GLY B 238 -27.04 -3.29 -3.42
CA GLY B 238 -26.34 -4.58 -3.27
C GLY B 238 -25.99 -5.18 -4.62
N VAL B 239 -26.47 -4.60 -5.72
CA VAL B 239 -26.23 -5.15 -7.09
C VAL B 239 -24.86 -4.65 -7.56
N ILE B 240 -23.97 -5.58 -7.89
CA ILE B 240 -22.65 -5.26 -8.51
C ILE B 240 -22.87 -4.92 -10.00
N GLY B 241 -23.37 -3.71 -10.27
CA GLY B 241 -23.56 -3.14 -11.61
C GLY B 241 -22.27 -2.54 -12.15
N PRO B 242 -22.25 -2.01 -13.39
CA PRO B 242 -21.11 -1.25 -13.92
C PRO B 242 -20.58 -0.13 -13.02
N GLN B 243 -21.49 0.71 -12.51
CA GLN B 243 -21.17 1.85 -11.61
C GLN B 243 -20.34 1.34 -10.43
N THR B 244 -20.78 0.25 -9.79
CA THR B 244 -20.12 -0.34 -8.60
C THR B 244 -18.78 -0.97 -8.98
N MET B 245 -18.63 -1.45 -10.22
CA MET B 245 -17.37 -2.08 -10.69
C MET B 245 -16.33 -0.99 -10.97
N LYS B 246 -16.73 0.05 -11.72
CA LYS B 246 -15.87 1.22 -12.04
C LYS B 246 -15.06 1.56 -10.78
N TRP B 247 -15.72 1.66 -9.62
CA TRP B 247 -15.08 2.07 -8.35
C TRP B 247 -14.21 0.94 -7.82
N LEU B 248 -14.75 -0.28 -7.68
CA LEU B 248 -14.00 -1.48 -7.21
C LEU B 248 -12.63 -1.54 -7.89
N ASN B 249 -12.61 -1.29 -9.20
CA ASN B 249 -11.43 -1.47 -10.08
C ASN B 249 -10.46 -0.26 -10.04
N THR B 250 -10.93 0.95 -9.71
CA THR B 250 -10.01 2.13 -9.57
C THR B 250 -8.75 1.69 -8.80
N SER B 251 -7.58 1.89 -9.42
CA SER B 251 -6.24 1.54 -8.88
C SER B 251 -5.90 2.44 -7.69
N VAL B 252 -5.02 1.96 -6.80
CA VAL B 252 -4.52 2.74 -5.63
C VAL B 252 -3.98 4.08 -6.16
N THR B 253 -3.14 4.06 -7.19
CA THR B 253 -2.65 5.27 -7.92
C THR B 253 -3.82 6.26 -8.10
N GLU B 254 -4.93 5.82 -8.67
CA GLU B 254 -6.09 6.68 -9.02
C GLU B 254 -6.71 7.26 -7.74
N ARG B 255 -6.80 6.48 -6.66
CA ARG B 255 -7.37 6.97 -5.38
C ARG B 255 -6.44 8.01 -4.77
N LEU B 256 -5.17 7.66 -4.60
CA LEU B 256 -4.11 8.59 -4.15
C LEU B 256 -4.30 9.92 -4.88
N ALA B 257 -4.43 9.89 -6.21
CA ALA B 257 -4.66 11.09 -7.04
C ALA B 257 -5.86 11.88 -6.50
N LEU B 258 -6.97 11.20 -6.20
CA LEU B 258 -8.19 11.86 -5.66
C LEU B 258 -7.90 12.44 -4.28
N LEU B 259 -7.33 11.63 -3.39
CA LEU B 259 -6.93 12.07 -2.03
C LEU B 259 -6.08 13.35 -2.15
N ALA B 260 -5.00 13.28 -2.92
CA ALA B 260 -4.06 14.39 -3.15
C ALA B 260 -4.84 15.63 -3.59
N LEU B 261 -5.58 15.52 -4.69
CA LEU B 261 -6.34 16.66 -5.28
C LEU B 261 -7.32 17.21 -4.24
N ASN B 262 -8.16 16.35 -3.67
CA ASN B 262 -9.23 16.78 -2.73
C ASN B 262 -8.63 17.32 -1.43
N ALA B 263 -7.45 16.82 -1.03
CA ALA B 263 -6.68 17.37 0.11
C ALA B 263 -6.28 18.81 -0.22
N GLU B 264 -5.43 18.98 -1.23
CA GLU B 264 -4.92 20.32 -1.62
C GLU B 264 -6.12 21.21 -2.01
N ARG B 265 -7.27 20.63 -2.32
CA ARG B 265 -8.52 21.42 -2.60
C ARG B 265 -9.02 22.06 -1.32
N ILE B 266 -8.85 21.41 -0.17
CA ILE B 266 -9.37 21.93 1.14
C ILE B 266 -8.70 23.27 1.47
N ARG B 267 -7.54 23.55 0.89
CA ARG B 267 -6.89 24.87 1.03
C ARG B 267 -7.87 25.96 0.56
N LEU B 268 -8.67 25.69 -0.48
CA LEU B 268 -9.59 26.67 -1.13
C LEU B 268 -10.78 27.01 -0.23
N TRP B 269 -11.29 26.07 0.54
CA TRP B 269 -12.41 26.32 1.47
C TRP B 269 -11.93 26.02 2.88
N PRO B 270 -11.23 26.98 3.52
CA PRO B 270 -10.87 26.82 4.93
C PRO B 270 -12.22 26.70 5.65
N THR B 271 -12.28 25.90 6.71
CA THR B 271 -13.55 25.64 7.45
C THR B 271 -13.74 26.79 8.45
N GLN B 272 -14.76 27.61 8.24
CA GLN B 272 -15.30 28.56 9.23
C GLN B 272 -16.71 28.06 9.55
N GLN B 273 -16.94 27.57 10.76
CA GLN B 273 -18.25 27.03 11.17
C GLN B 273 -19.04 28.08 11.96
N ASP B 274 -18.48 29.28 12.14
CA ASP B 274 -19.14 30.38 12.89
C ASP B 274 -20.40 30.78 12.12
N SER B 275 -20.30 30.96 10.80
CA SER B 275 -21.46 31.20 9.91
C SER B 275 -21.10 30.91 8.45
N MET B 276 -21.53 29.76 7.91
CA MET B 276 -21.30 29.44 6.48
C MET B 276 -22.35 28.45 5.96
N ILE B 277 -22.70 28.64 4.68
CA ILE B 277 -23.56 27.71 3.89
C ILE B 277 -22.63 27.02 2.91
N VAL B 278 -22.47 25.69 3.01
CA VAL B 278 -21.52 24.95 2.13
C VAL B 278 -22.30 23.97 1.26
N VAL B 279 -22.15 24.12 -0.05
CA VAL B 279 -22.79 23.22 -1.05
C VAL B 279 -21.69 22.42 -1.72
N ASN B 280 -21.67 21.10 -1.51
CA ASN B 280 -20.71 20.20 -2.20
C ASN B 280 -21.40 19.68 -3.46
N VAL B 281 -20.98 20.16 -4.63
CA VAL B 281 -21.64 19.81 -5.92
C VAL B 281 -21.55 18.29 -6.14
N PRO B 282 -20.36 17.64 -6.09
CA PRO B 282 -20.27 16.21 -6.33
C PRO B 282 -21.10 15.36 -5.38
N GLY B 283 -21.22 15.83 -4.14
CA GLY B 283 -22.02 15.15 -3.10
C GLY B 283 -23.49 15.48 -3.26
N PHE B 284 -23.81 16.55 -3.99
CA PHE B 284 -25.20 17.05 -4.20
C PHE B 284 -25.87 17.29 -2.83
N ASP B 285 -25.10 17.65 -1.82
CA ASP B 285 -25.61 17.96 -0.46
C ASP B 285 -25.24 19.41 -0.12
N MET B 286 -25.93 20.00 0.85
CA MET B 286 -25.60 21.35 1.39
C MET B 286 -25.84 21.35 2.90
N LYS B 287 -25.03 22.12 3.62
CA LYS B 287 -25.17 22.28 5.08
C LYS B 287 -25.09 23.77 5.40
N TYR B 288 -25.77 24.21 6.45
CA TYR B 288 -25.68 25.57 7.03
C TYR B 288 -25.12 25.45 8.44
N TRP B 289 -23.94 26.05 8.67
CA TRP B 289 -23.27 26.06 10.00
C TRP B 289 -23.50 27.44 10.61
N ASP B 290 -24.06 27.51 11.83
CA ASP B 290 -24.14 28.77 12.62
C ASP B 290 -23.68 28.50 14.05
N ALA B 291 -22.73 29.28 14.54
CA ALA B 291 -22.12 29.13 15.88
C ALA B 291 -21.57 27.71 16.03
N GLY B 292 -20.79 27.25 15.03
CA GLY B 292 -20.11 25.93 15.06
C GLY B 292 -21.07 24.75 15.11
N ARG B 293 -22.37 24.99 14.92
CA ARG B 293 -23.43 23.96 15.00
C ARG B 293 -24.06 23.78 13.61
N GLU B 294 -24.18 22.54 13.15
CA GLU B 294 -24.86 22.22 11.87
C GLU B 294 -26.35 22.40 12.10
N VAL B 295 -26.87 23.60 11.87
CA VAL B 295 -28.29 23.95 12.08
C VAL B 295 -29.17 23.28 11.02
N PHE B 296 -28.67 23.15 9.78
CA PHE B 296 -29.46 22.62 8.63
C PHE B 296 -28.60 21.75 7.70
N GLU B 297 -29.20 20.71 7.11
CA GLU B 297 -28.60 19.86 6.05
C GLU B 297 -29.68 19.50 5.04
N SER B 298 -29.33 19.33 3.77
CA SER B 298 -30.31 19.07 2.68
C SER B 298 -29.64 18.51 1.43
N LYS B 299 -30.35 17.65 0.72
CA LYS B 299 -30.00 17.26 -0.66
C LYS B 299 -30.22 18.49 -1.55
N VAL B 300 -29.49 18.58 -2.64
CA VAL B 300 -29.66 19.68 -3.62
C VAL B 300 -29.53 19.14 -5.04
N VAL B 301 -30.34 19.70 -5.94
CA VAL B 301 -30.10 19.65 -7.40
C VAL B 301 -29.12 20.76 -7.74
N VAL B 302 -28.18 20.47 -8.64
CA VAL B 302 -27.13 21.42 -9.09
C VAL B 302 -27.19 21.48 -10.61
N GLY B 303 -26.35 22.31 -11.22
CA GLY B 303 -26.22 22.49 -12.67
C GLY B 303 -26.02 21.16 -13.35
N LYS B 304 -26.68 20.95 -14.50
CA LYS B 304 -26.43 19.77 -15.35
C LYS B 304 -25.05 19.96 -15.99
N THR B 305 -24.39 18.86 -16.36
CA THR B 305 -22.98 18.84 -16.85
C THR B 305 -22.78 19.91 -17.94
N THR B 306 -23.83 20.22 -18.69
CA THR B 306 -23.82 21.15 -19.86
C THR B 306 -23.97 22.61 -19.39
N ARG B 307 -24.55 22.83 -18.20
CA ARG B 307 -24.75 24.17 -17.60
C ARG B 307 -24.37 24.12 -16.12
N PRO B 308 -23.10 23.78 -15.83
CA PRO B 308 -22.67 23.42 -14.47
C PRO B 308 -22.68 24.58 -13.46
N THR B 309 -23.10 24.28 -12.22
CA THR B 309 -22.95 25.13 -11.02
C THR B 309 -21.45 25.38 -10.86
N PRO B 310 -21.01 26.65 -10.93
CA PRO B 310 -19.58 26.95 -10.88
C PRO B 310 -19.10 26.85 -9.43
N VAL B 311 -17.81 26.59 -9.23
CA VAL B 311 -17.19 26.54 -7.88
C VAL B 311 -16.94 27.99 -7.49
N MET B 312 -17.59 28.50 -6.45
CA MET B 312 -17.52 29.95 -6.16
C MET B 312 -17.78 30.22 -4.69
N ASN B 313 -17.34 31.40 -4.24
CA ASN B 313 -17.72 32.02 -2.95
C ASN B 313 -18.60 33.24 -3.23
N THR B 314 -19.77 33.28 -2.59
CA THR B 314 -20.72 34.41 -2.65
C THR B 314 -21.33 34.57 -1.25
N LYS B 315 -22.37 35.40 -1.12
CA LYS B 315 -22.96 35.74 0.19
C LYS B 315 -24.49 35.77 0.05
N LEU B 316 -25.20 35.17 0.99
CA LEU B 316 -26.68 35.18 1.09
C LEU B 316 -27.10 36.44 1.83
N ASP B 317 -27.61 37.44 1.12
CA ASP B 317 -28.01 38.75 1.70
C ASP B 317 -29.49 38.72 2.09
N SER B 318 -30.34 38.00 1.35
CA SER B 318 -31.82 38.08 1.49
C SER B 318 -32.52 36.78 1.10
N LEU B 319 -33.77 36.66 1.54
CA LEU B 319 -34.71 35.55 1.28
C LEU B 319 -35.97 36.16 0.65
N ILE B 320 -36.50 35.54 -0.41
CA ILE B 320 -37.82 35.91 -1.01
C ILE B 320 -38.82 34.76 -0.78
N ILE B 321 -40.02 35.07 -0.28
CA ILE B 321 -41.12 34.09 -0.07
C ILE B 321 -42.16 34.25 -1.17
N ASN B 322 -42.65 33.13 -1.72
CA ASN B 322 -43.52 33.06 -2.93
C ASN B 322 -42.90 33.88 -4.04
N PRO B 323 -41.61 33.63 -4.40
CA PRO B 323 -40.90 34.50 -5.32
C PRO B 323 -41.49 34.36 -6.73
N THR B 324 -41.48 35.44 -7.50
CA THR B 324 -41.64 35.38 -8.97
C THR B 324 -40.25 35.05 -9.51
N TRP B 325 -40.19 34.46 -10.70
CA TRP B 325 -38.94 34.07 -11.40
C TRP B 325 -38.80 34.89 -12.68
N ASN B 326 -37.88 35.86 -12.67
CA ASN B 326 -37.50 36.64 -13.87
C ASN B 326 -36.64 35.71 -14.73
N VAL B 327 -37.28 35.02 -15.68
CA VAL B 327 -36.64 34.00 -16.56
C VAL B 327 -35.43 34.64 -17.22
N PRO B 328 -34.22 34.04 -17.03
CA PRO B 328 -33.00 34.52 -17.67
C PRO B 328 -33.10 34.51 -19.21
N HIS B 329 -32.44 35.46 -19.88
CA HIS B 329 -32.39 35.54 -21.37
C HIS B 329 -31.89 34.21 -21.95
N LYS B 330 -30.87 33.60 -21.34
CA LYS B 330 -30.29 32.31 -21.79
C LYS B 330 -31.39 31.26 -21.89
N ILE B 331 -32.17 31.09 -20.82
CA ILE B 331 -33.19 30.02 -20.67
C ILE B 331 -34.37 30.30 -21.60
N MET B 332 -34.73 31.58 -21.77
CA MET B 332 -35.83 32.01 -22.69
C MET B 332 -35.48 31.53 -24.10
N VAL B 333 -34.31 31.89 -24.61
CA VAL B 333 -33.89 31.71 -26.04
C VAL B 333 -33.50 30.24 -26.28
N GLU B 334 -32.90 29.57 -25.30
CA GLU B 334 -32.41 28.18 -25.48
C GLU B 334 -33.56 27.18 -25.23
N ASP B 335 -34.43 27.42 -24.25
CA ASP B 335 -35.41 26.40 -23.77
C ASP B 335 -36.85 26.85 -24.00
N ILE B 336 -37.27 27.95 -23.37
CA ILE B 336 -38.72 28.27 -23.19
C ILE B 336 -39.34 28.71 -24.52
N LEU B 337 -38.89 29.81 -25.13
CA LEU B 337 -39.43 30.28 -26.44
C LEU B 337 -39.58 29.10 -27.41
N PRO B 338 -38.50 28.33 -27.74
CA PRO B 338 -38.63 27.19 -28.64
C PRO B 338 -39.83 26.27 -28.38
N MET B 339 -40.28 26.18 -27.13
CA MET B 339 -41.42 25.34 -26.66
C MET B 339 -42.73 26.13 -26.76
N VAL B 340 -42.68 27.46 -26.70
CA VAL B 340 -43.84 28.38 -26.92
C VAL B 340 -44.19 28.36 -28.42
N LYS B 341 -43.20 28.07 -29.28
CA LYS B 341 -43.36 27.95 -30.76
C LYS B 341 -44.10 26.64 -31.11
N ARG B 342 -44.20 25.69 -30.18
CA ARG B 342 -45.03 24.45 -30.31
C ARG B 342 -46.32 24.62 -29.52
N ASP B 343 -46.21 24.70 -28.19
CA ASP B 343 -47.35 24.79 -27.22
C ASP B 343 -47.76 26.27 -27.10
N SER B 344 -48.86 26.67 -27.73
CA SER B 344 -49.41 28.06 -27.67
C SER B 344 -50.25 28.23 -26.39
N GLU B 345 -50.55 27.13 -25.71
CA GLU B 345 -51.24 27.12 -24.39
C GLU B 345 -50.22 27.03 -23.26
N TYR B 346 -48.93 27.28 -23.56
CA TYR B 346 -47.81 27.16 -22.61
C TYR B 346 -47.89 28.26 -21.56
N LEU B 347 -47.92 29.52 -22.01
CA LEU B 347 -47.71 30.71 -21.15
C LEU B 347 -48.78 30.74 -20.06
N ALA B 348 -50.04 30.52 -20.43
CA ALA B 348 -51.19 30.53 -19.48
C ALA B 348 -51.05 29.36 -18.51
N ASN B 349 -50.58 28.19 -18.98
CA ASN B 349 -50.39 26.96 -18.16
C ASN B 349 -49.32 27.21 -17.08
N HIS B 350 -48.16 27.71 -17.49
CA HIS B 350 -46.99 27.94 -16.60
C HIS B 350 -47.09 29.30 -15.90
N HIS B 351 -48.16 30.06 -16.18
CA HIS B 351 -48.42 31.39 -15.57
C HIS B 351 -47.23 32.32 -15.89
N MET B 352 -46.85 32.42 -17.16
CA MET B 352 -45.67 33.23 -17.61
C MET B 352 -46.12 34.46 -18.41
N GLU B 353 -45.58 35.63 -18.08
CA GLU B 353 -45.91 36.93 -18.73
C GLU B 353 -44.76 37.35 -19.64
N ILE B 354 -45.03 38.21 -20.62
CA ILE B 354 -44.03 38.82 -21.55
C ILE B 354 -43.90 40.29 -21.16
N ILE B 355 -42.68 40.82 -21.19
CA ILE B 355 -42.29 42.08 -20.49
C ILE B 355 -41.15 42.79 -21.24
N ARG B 356 -41.17 44.14 -21.34
CA ARG B 356 -39.99 44.91 -21.85
C ARG B 356 -39.23 45.62 -20.72
N GLY B 357 -39.88 46.14 -19.67
CA GLY B 357 -39.26 47.04 -18.68
C GLY B 357 -38.48 46.30 -17.59
N TRP B 358 -37.38 46.91 -17.10
CA TRP B 358 -36.45 46.31 -16.10
C TRP B 358 -37.01 46.46 -14.68
N SER B 359 -37.69 47.58 -14.41
CA SER B 359 -38.27 47.93 -13.08
C SER B 359 -39.77 48.20 -13.23
N ASP B 360 -40.14 49.05 -14.20
CA ASP B 360 -41.55 49.29 -14.63
C ASP B 360 -41.91 48.23 -15.67
N PRO B 361 -42.51 47.09 -15.26
CA PRO B 361 -42.77 45.99 -16.20
C PRO B 361 -44.07 46.24 -16.99
N GLU B 362 -43.97 46.58 -18.29
CA GLU B 362 -45.14 46.64 -19.19
C GLU B 362 -45.42 45.21 -19.64
N VAL B 363 -46.60 44.68 -19.31
CA VAL B 363 -46.98 43.26 -19.52
C VAL B 363 -47.60 43.14 -20.92
N ILE B 364 -46.85 42.59 -21.87
CA ILE B 364 -47.25 42.53 -23.31
C ILE B 364 -48.20 41.34 -23.51
N ASP B 365 -49.29 41.58 -24.24
CA ASP B 365 -50.34 40.57 -24.55
C ASP B 365 -49.74 39.49 -25.45
N PRO B 366 -49.88 38.18 -25.12
CA PRO B 366 -49.31 37.10 -25.91
C PRO B 366 -49.84 37.07 -27.36
N ALA B 367 -51.17 37.14 -27.52
CA ALA B 367 -51.86 37.03 -28.82
C ALA B 367 -51.36 38.08 -29.82
N LEU B 368 -50.77 39.19 -29.32
CA LEU B 368 -50.39 40.38 -30.14
C LEU B 368 -49.18 40.13 -31.05
N ILE B 369 -48.54 38.95 -31.06
CA ILE B 369 -47.38 38.70 -31.97
C ILE B 369 -47.49 37.33 -32.65
N ASP B 370 -47.20 37.30 -33.96
CA ASP B 370 -47.12 36.09 -34.83
C ASP B 370 -45.94 35.23 -34.37
N TRP B 371 -46.27 34.14 -33.69
CA TRP B 371 -45.33 33.28 -32.91
C TRP B 371 -44.42 32.44 -33.82
N GLU B 372 -44.93 31.96 -34.96
CA GLU B 372 -44.14 31.18 -35.95
C GLU B 372 -43.29 32.13 -36.82
N ALA B 373 -43.33 33.43 -36.52
CA ALA B 373 -42.48 34.49 -37.14
C ALA B 373 -41.30 34.83 -36.21
N VAL B 374 -41.47 34.68 -34.89
CA VAL B 374 -40.44 35.01 -33.85
C VAL B 374 -39.18 34.18 -34.10
N GLU B 375 -38.01 34.83 -34.07
CA GLU B 375 -36.69 34.17 -33.95
C GLU B 375 -36.24 34.30 -32.49
N PRO B 376 -36.17 33.19 -31.72
CA PRO B 376 -35.86 33.26 -30.28
C PRO B 376 -34.61 34.08 -29.97
N GLU B 377 -33.56 33.95 -30.78
CA GLU B 377 -32.24 34.60 -30.55
C GLU B 377 -32.38 36.13 -30.49
N THR B 378 -33.32 36.72 -31.24
CA THR B 378 -33.51 38.19 -31.34
C THR B 378 -34.83 38.64 -30.71
N PHE B 379 -35.57 37.75 -30.03
CA PHE B 379 -36.82 38.11 -29.31
C PHE B 379 -36.48 39.19 -28.30
N PRO B 380 -37.11 40.40 -28.40
CA PRO B 380 -36.62 41.58 -27.69
C PRO B 380 -37.09 41.73 -26.25
N TYR B 381 -37.97 40.84 -25.78
CA TYR B 381 -38.62 40.91 -24.44
C TYR B 381 -38.06 39.82 -23.52
N ARG B 382 -38.48 39.81 -22.25
CA ARG B 382 -38.10 38.80 -21.23
C ARG B 382 -39.38 38.25 -20.58
N LEU B 383 -39.30 37.05 -20.01
CA LEU B 383 -40.46 36.38 -19.37
C LEU B 383 -40.33 36.50 -17.85
N ARG B 384 -41.46 36.68 -17.16
CA ARG B 384 -41.56 36.63 -15.68
C ARG B 384 -42.68 35.67 -15.32
N GLN B 385 -42.33 34.53 -14.70
CA GLN B 385 -43.32 33.54 -14.20
C GLN B 385 -43.91 34.04 -12.87
N GLN B 386 -45.24 34.13 -12.78
CA GLN B 386 -45.96 34.56 -11.56
C GLN B 386 -45.60 33.59 -10.43
N ALA B 387 -45.69 34.06 -9.19
CA ALA B 387 -45.59 33.20 -7.97
C ALA B 387 -46.72 32.18 -8.00
N GLY B 388 -46.49 31.03 -7.38
CA GLY B 388 -47.40 29.87 -7.34
C GLY B 388 -46.66 28.69 -6.73
N VAL B 389 -47.36 27.60 -6.40
CA VAL B 389 -46.70 26.39 -5.81
C VAL B 389 -45.97 25.65 -6.94
N GLN B 390 -46.36 25.88 -8.20
CA GLN B 390 -45.71 25.25 -9.39
C GLN B 390 -44.73 26.24 -10.06
N ASN B 391 -44.51 27.43 -9.49
CA ASN B 391 -43.43 28.36 -9.95
C ASN B 391 -42.10 27.59 -9.93
N ALA B 392 -41.24 27.82 -10.92
CA ALA B 392 -39.91 27.19 -11.07
C ALA B 392 -39.10 27.30 -9.78
N LEU B 393 -39.21 28.44 -9.08
CA LEU B 393 -38.43 28.78 -7.87
C LEU B 393 -39.16 28.32 -6.61
N GLY B 394 -40.27 27.58 -6.78
CA GLY B 394 -41.15 27.17 -5.67
C GLY B 394 -41.53 28.35 -4.80
N THR B 395 -41.41 28.18 -3.48
CA THR B 395 -42.00 29.07 -2.45
C THR B 395 -40.92 29.94 -1.82
N TYR B 396 -39.64 29.77 -2.19
CA TYR B 396 -38.49 30.39 -1.52
C TYR B 396 -37.31 30.54 -2.49
N LYS B 397 -36.87 31.76 -2.76
CA LYS B 397 -35.57 32.05 -3.41
C LYS B 397 -34.63 32.59 -2.33
N PHE B 398 -33.42 32.05 -2.23
CA PHE B 398 -32.37 32.47 -1.25
C PHE B 398 -31.32 33.28 -2.01
N ASN B 399 -31.43 34.61 -1.95
CA ASN B 399 -30.67 35.56 -2.80
C ASN B 399 -29.17 35.44 -2.51
N THR B 400 -28.36 35.16 -3.54
CA THR B 400 -26.88 35.09 -3.42
C THR B 400 -26.29 35.89 -4.57
N PRO B 401 -26.46 37.23 -4.57
CA PRO B 401 -26.03 38.06 -5.69
C PRO B 401 -24.59 37.75 -6.11
N ASN B 402 -24.35 37.63 -7.42
CA ASN B 402 -23.02 37.36 -8.03
C ASN B 402 -23.17 37.45 -9.54
N SER B 403 -22.06 37.57 -10.26
CA SER B 403 -22.00 37.88 -11.72
C SER B 403 -22.74 36.84 -12.58
N ARG B 404 -22.79 35.57 -12.16
CA ARG B 404 -23.38 34.45 -12.95
C ARG B 404 -24.85 34.17 -12.56
N ALA B 405 -25.44 34.99 -11.69
CA ALA B 405 -26.85 34.87 -11.25
C ALA B 405 -27.15 33.44 -10.77
N ILE B 406 -26.20 32.83 -10.08
CA ILE B 406 -26.37 31.55 -9.35
C ILE B 406 -27.03 31.85 -8.01
N TYR B 407 -28.08 31.12 -7.65
CA TYR B 407 -28.73 31.21 -6.32
C TYR B 407 -29.35 29.87 -5.96
N LEU B 408 -29.68 29.74 -4.68
CA LEU B 408 -30.43 28.59 -4.12
C LEU B 408 -31.91 28.94 -4.22
N HIS B 409 -32.77 27.93 -4.30
CA HIS B 409 -34.24 28.12 -4.45
C HIS B 409 -34.96 26.80 -4.18
N ASP B 410 -36.24 26.89 -3.83
CA ASP B 410 -37.17 25.74 -3.70
C ASP B 410 -37.49 25.28 -5.13
N THR B 411 -38.00 24.07 -5.29
CA THR B 411 -38.42 23.51 -6.59
C THR B 411 -39.76 22.79 -6.41
N PRO B 412 -40.70 22.97 -7.36
CA PRO B 412 -41.91 22.15 -7.39
C PRO B 412 -41.56 20.67 -7.59
N SER B 413 -40.63 20.37 -8.50
CA SER B 413 -40.23 18.99 -8.92
C SER B 413 -39.41 18.30 -7.83
N LYS B 414 -40.04 17.87 -6.73
CA LYS B 414 -39.37 17.27 -5.54
C LYS B 414 -38.89 15.86 -5.86
N HIS B 415 -39.53 15.19 -6.82
CA HIS B 415 -39.21 13.80 -7.25
C HIS B 415 -37.78 13.69 -7.80
N LEU B 416 -37.17 14.82 -8.20
CA LEU B 416 -35.76 14.89 -8.68
C LEU B 416 -34.80 14.54 -7.52
N PHE B 417 -35.18 14.77 -6.27
CA PHE B 417 -34.31 14.55 -5.08
C PHE B 417 -34.12 13.04 -4.84
N ASN B 418 -34.94 12.19 -5.46
CA ASN B 418 -34.81 10.71 -5.33
C ASN B 418 -33.55 10.25 -6.08
N ASN B 419 -33.21 10.90 -7.19
CA ASN B 419 -32.09 10.49 -8.07
C ASN B 419 -30.77 10.60 -7.32
N ALA B 420 -29.92 9.59 -7.46
CA ALA B 420 -28.60 9.47 -6.79
C ALA B 420 -27.74 10.67 -7.21
N SER B 421 -27.75 10.98 -8.51
CA SER B 421 -26.95 12.05 -9.16
C SER B 421 -27.86 13.16 -9.70
N ARG B 422 -27.80 14.34 -9.07
CA ARG B 422 -28.78 15.43 -9.27
C ARG B 422 -28.16 16.60 -10.04
N ALA B 423 -27.59 16.33 -11.20
CA ALA B 423 -27.05 17.36 -12.12
C ALA B 423 -28.12 17.69 -13.17
N PHE B 424 -29.17 18.45 -12.80
CA PHE B 424 -30.34 18.75 -13.67
C PHE B 424 -30.52 20.25 -13.94
N SER B 425 -30.14 21.12 -13.01
CA SER B 425 -30.47 22.57 -13.04
C SER B 425 -29.72 23.31 -14.16
N SER B 426 -29.99 24.60 -14.33
CA SER B 426 -29.33 25.51 -15.30
C SER B 426 -28.08 26.14 -14.68
N GLY B 427 -27.72 25.72 -13.46
CA GLY B 427 -26.59 26.26 -12.69
C GLY B 427 -27.01 26.58 -11.27
N CYS B 428 -28.24 27.06 -11.09
CA CYS B 428 -28.85 27.37 -9.77
C CYS B 428 -28.94 26.07 -8.95
N ILE B 429 -29.31 26.18 -7.68
CA ILE B 429 -29.19 25.08 -6.68
C ILE B 429 -30.54 24.93 -5.98
N ARG B 430 -31.19 23.79 -6.20
CA ARG B 430 -32.54 23.50 -5.68
C ARG B 430 -32.40 22.82 -4.32
N VAL B 431 -33.17 23.26 -3.32
CA VAL B 431 -33.03 22.82 -1.91
C VAL B 431 -34.22 21.93 -1.56
N GLU B 432 -33.94 20.74 -1.02
CA GLU B 432 -35.00 19.74 -0.71
C GLU B 432 -35.92 20.33 0.36
N ASN B 433 -35.35 20.62 1.53
CA ASN B 433 -36.09 21.03 2.76
C ASN B 433 -36.16 22.56 2.81
N ALA B 434 -36.45 23.21 1.67
CA ALA B 434 -36.47 24.67 1.50
C ALA B 434 -37.18 25.34 2.69
N GLU B 435 -38.38 24.86 3.04
CA GLU B 435 -39.21 25.37 4.17
C GLU B 435 -38.33 25.47 5.42
N LYS B 436 -37.79 24.33 5.87
CA LYS B 436 -36.99 24.25 7.11
C LYS B 436 -35.79 25.19 6.99
N PHE B 437 -35.14 25.23 5.83
CA PHE B 437 -33.96 26.09 5.57
C PHE B 437 -34.31 27.55 5.86
N ALA B 438 -35.39 28.06 5.27
CA ALA B 438 -35.88 29.44 5.45
C ALA B 438 -36.25 29.66 6.93
N GLN B 439 -36.94 28.71 7.56
CA GLN B 439 -37.26 28.84 9.00
C GLN B 439 -35.95 29.08 9.77
N THR B 440 -34.96 28.22 9.55
CA THR B 440 -33.68 28.19 10.29
C THR B 440 -32.95 29.53 10.14
N LEU B 441 -32.98 30.11 8.94
CA LEU B 441 -32.33 31.41 8.62
C LEU B 441 -32.94 32.53 9.46
N LEU B 442 -34.27 32.61 9.49
CA LEU B 442 -35.02 33.70 10.18
C LEU B 442 -34.89 33.56 11.71
N ALA B 443 -34.91 32.33 12.24
CA ALA B 443 -34.59 32.03 13.66
C ALA B 443 -33.20 32.59 14.01
N ASN B 444 -32.20 32.33 13.16
CA ASN B 444 -30.76 32.64 13.40
C ASN B 444 -30.45 34.12 13.18
N GLN B 445 -31.42 34.92 12.74
CA GLN B 445 -31.27 36.39 12.63
C GLN B 445 -32.42 37.08 13.40
N GLY B 446 -33.13 36.31 14.23
CA GLY B 446 -34.20 36.78 15.12
C GLY B 446 -35.29 37.54 14.37
N ILE B 447 -35.49 37.23 13.09
CA ILE B 447 -36.61 37.79 12.28
C ILE B 447 -37.79 36.83 12.44
N THR B 448 -38.93 37.32 12.90
CA THR B 448 -40.18 36.54 13.07
C THR B 448 -41.23 37.13 12.13
N LEU B 449 -42.14 36.31 11.60
CA LEU B 449 -43.30 36.80 10.80
C LEU B 449 -44.62 36.45 11.50
N ASP B 450 -45.42 37.48 11.76
CA ASP B 450 -46.78 37.41 12.38
C ASP B 450 -47.55 36.23 11.78
N ASP B 451 -47.70 36.17 10.46
CA ASP B 451 -48.30 35.03 9.72
C ASP B 451 -47.52 34.81 8.41
N PHE B 452 -47.78 33.70 7.72
CA PHE B 452 -47.17 33.39 6.41
C PHE B 452 -47.88 34.19 5.31
N PRO B 453 -47.14 34.92 4.44
CA PRO B 453 -47.76 35.76 3.42
C PRO B 453 -48.45 34.98 2.30
N VAL B 454 -49.35 35.63 1.55
CA VAL B 454 -50.03 35.04 0.36
C VAL B 454 -49.30 35.51 -0.90
N SER B 455 -48.39 36.48 -0.77
CA SER B 455 -47.71 37.14 -1.91
C SER B 455 -46.20 37.23 -1.70
N THR B 456 -45.49 37.62 -2.76
CA THR B 456 -44.02 37.84 -2.76
C THR B 456 -43.70 38.85 -1.66
N GLN B 457 -42.91 38.46 -0.65
CA GLN B 457 -42.43 39.37 0.42
C GLN B 457 -40.93 39.14 0.65
N ALA B 458 -40.12 40.08 0.16
CA ALA B 458 -38.64 40.09 0.27
C ALA B 458 -38.22 40.40 1.71
N ILE B 459 -37.21 39.68 2.23
CA ILE B 459 -36.75 39.78 3.64
C ILE B 459 -35.22 39.94 3.66
N ALA B 460 -34.72 41.17 3.83
CA ALA B 460 -33.29 41.43 4.06
C ALA B 460 -32.85 40.65 5.30
N LEU B 461 -31.69 40.00 5.24
CA LEU B 461 -31.02 39.41 6.43
C LEU B 461 -30.27 40.55 7.13
N LYS B 462 -30.25 40.50 8.47
CA LYS B 462 -29.51 41.48 9.32
C LYS B 462 -28.02 41.41 8.97
N LYS B 463 -27.53 40.20 8.69
CA LYS B 463 -26.10 39.88 8.49
C LYS B 463 -25.96 38.94 7.28
N ARG B 464 -25.33 39.44 6.21
CA ARG B 464 -24.84 38.63 5.06
C ARG B 464 -24.14 37.38 5.59
N ILE B 465 -24.49 36.22 5.04
CA ILE B 465 -23.86 34.91 5.35
C ILE B 465 -22.98 34.52 4.16
N PRO B 466 -21.72 34.10 4.38
CA PRO B 466 -20.89 33.62 3.28
C PRO B 466 -21.50 32.29 2.79
N VAL B 467 -21.54 32.12 1.47
CA VAL B 467 -21.98 30.88 0.77
C VAL B 467 -20.76 30.34 0.01
N HIS B 468 -20.28 29.16 0.40
CA HIS B 468 -19.14 28.46 -0.25
C HIS B 468 -19.71 27.29 -1.06
N ILE B 469 -19.68 27.42 -2.39
CA ILE B 469 -20.08 26.36 -3.35
C ILE B 469 -18.80 25.65 -3.77
N ILE B 470 -18.62 24.43 -3.25
CA ILE B 470 -17.34 23.67 -3.33
C ILE B 470 -17.52 22.45 -4.23
N TYR B 471 -16.40 21.93 -4.72
CA TYR B 471 -16.31 20.69 -5.52
C TYR B 471 -15.29 19.76 -4.86
N GLN B 472 -15.73 18.99 -3.86
CA GLN B 472 -14.87 17.98 -3.21
C GLN B 472 -15.47 16.58 -3.41
N THR B 473 -14.75 15.74 -4.17
CA THR B 473 -15.19 14.38 -4.59
C THR B 473 -14.64 13.33 -3.62
N VAL B 474 -13.77 13.72 -2.69
CA VAL B 474 -13.31 12.85 -1.56
C VAL B 474 -13.30 13.69 -0.28
N TRP B 475 -13.76 13.12 0.82
CA TRP B 475 -13.70 13.75 2.16
C TRP B 475 -13.87 12.72 3.26
N TYR B 476 -13.41 13.07 4.47
CA TYR B 476 -13.51 12.27 5.71
C TYR B 476 -14.75 12.77 6.46
N GLU B 477 -15.60 11.85 6.91
CA GLU B 477 -16.81 12.16 7.70
C GLU B 477 -17.15 10.95 8.57
N GLU B 478 -17.47 11.20 9.84
CA GLU B 478 -17.80 10.20 10.88
C GLU B 478 -16.87 8.97 10.73
N GLY B 479 -15.56 9.20 10.65
CA GLY B 479 -14.52 8.15 10.77
C GLY B 479 -14.00 7.64 9.44
N VAL B 480 -14.76 7.78 8.34
CA VAL B 480 -14.47 7.09 7.06
C VAL B 480 -14.36 8.11 5.91
N LEU B 481 -13.55 7.77 4.90
CA LEU B 481 -13.48 8.46 3.58
C LEU B 481 -14.78 8.24 2.81
N HIS B 482 -15.17 9.25 2.04
CA HIS B 482 -16.31 9.20 1.08
C HIS B 482 -15.81 9.65 -0.29
N TYR B 483 -16.16 8.92 -1.35
CA TYR B 483 -15.79 9.23 -2.75
C TYR B 483 -17.07 9.60 -3.53
N ARG B 484 -16.95 10.23 -4.69
CA ARG B 484 -18.11 10.74 -5.47
C ARG B 484 -17.72 10.90 -6.94
N ASP B 485 -18.60 10.50 -7.87
CA ASP B 485 -18.36 10.59 -9.33
C ASP B 485 -18.03 12.05 -9.65
N ASP B 486 -16.95 12.26 -10.42
CA ASP B 486 -16.42 13.59 -10.76
C ASP B 486 -17.36 14.20 -11.81
N ILE B 487 -18.56 14.56 -11.37
CA ILE B 487 -19.74 14.92 -12.20
C ILE B 487 -19.34 15.94 -13.27
N TYR B 488 -18.46 16.92 -12.99
CA TYR B 488 -18.06 18.00 -13.94
C TYR B 488 -16.64 17.79 -14.52
N HIS B 489 -16.07 16.60 -14.36
CA HIS B 489 -14.76 16.21 -14.95
C HIS B 489 -13.61 17.11 -14.46
N TYR B 490 -13.69 17.67 -13.27
CA TYR B 490 -12.60 18.50 -12.67
C TYR B 490 -11.48 17.59 -12.14
N ASP B 491 -11.83 16.39 -11.68
CA ASP B 491 -10.85 15.38 -11.19
C ASP B 491 -10.17 14.65 -12.35
N ALA B 492 -10.66 14.80 -13.59
CA ALA B 492 -10.24 13.98 -14.74
C ALA B 492 -8.73 14.03 -14.89
N LEU B 493 -8.15 15.22 -15.13
CA LEU B 493 -6.71 15.39 -15.46
C LEU B 493 -5.81 14.78 -14.38
N ALA B 494 -6.31 14.61 -13.16
CA ALA B 494 -5.53 14.08 -12.00
C ALA B 494 -5.25 12.59 -12.20
N LEU B 495 -6.09 11.87 -12.95
CA LEU B 495 -6.00 10.39 -13.03
C LEU B 495 -6.08 9.85 -14.47
N GLY B 496 -5.85 10.65 -15.52
CA GLY B 496 -5.93 10.19 -16.92
C GLY B 496 -7.26 10.55 -17.61
N ASN B 497 -7.27 11.68 -18.34
CA ASN B 497 -8.47 12.32 -18.94
C ASN B 497 -8.83 11.60 -20.23
N ALA C 1 30.33 -22.26 -13.95
CA ALA C 1 30.75 -21.89 -12.59
C ALA C 1 32.26 -22.19 -12.48
#